data_3GUR
#
_entry.id   3GUR
#
_cell.length_a   56.750
_cell.length_b   78.016
_cell.length_c   219.362
_cell.angle_alpha   90.00
_cell.angle_beta   90.00
_cell.angle_gamma   90.00
#
_symmetry.space_group_name_H-M   'P 21 21 21'
#
loop_
_entity.id
_entity.type
_entity.pdbx_description
1 polymer 'Glutathione S-transferase Mu 2'
2 non-polymer L-gamma-glutamyl-S-{(4R)-4-[(6-hydroxyhexyl)sulfanyl]-7-nitro-4,5-dihydro-2,1,3-benzoxadiazol-4-yl}-L-cysteinylglycine
3 non-polymer GLUTATHIONE
4 non-polymer 1,2-ETHANEDIOL
5 water water
#
_entity_poly.entity_id   1
_entity_poly.type   'polypeptide(L)'
_entity_poly.pdbx_seq_one_letter_code
;PMTLGYWNIRGLAHSIRLLLEYTDSSYEEKKYTMGDAPDYDRSQWLNEKFKLGLDFPNLPYLIDGTHKITQSNAILRYIA
RKHNLCGESEKEQIREDILENQFMDSRMQLAKLCYDPDFEKLKPEYLQALPEMLKLYSQFLGKQPWFLGDKITFVDFIAY
DVLERNQVFEPSCLDAFPNLKDFISRFEGLEKISAYMKSSRFLPRPVFTKMAVWGNK
;
_entity_poly.pdbx_strand_id   A,B,C,D
#
# COMPACT_ATOMS: atom_id res chain seq x y z
N PRO A 1 5.45 -33.28 -41.58
CA PRO A 1 6.29 -32.49 -40.71
C PRO A 1 5.53 -31.90 -39.57
N MET A 2 6.20 -31.61 -38.48
CA MET A 2 5.66 -30.82 -37.42
C MET A 2 5.52 -29.45 -37.93
N THR A 3 4.64 -28.69 -37.34
CA THR A 3 4.59 -27.29 -37.57
C THR A 3 4.89 -26.49 -36.37
N LEU A 4 5.81 -25.58 -36.51
CA LEU A 4 6.12 -24.65 -35.42
C LEU A 4 5.63 -23.26 -35.81
N GLY A 5 4.73 -22.73 -34.99
CA GLY A 5 4.14 -21.42 -35.24
C GLY A 5 4.73 -20.41 -34.28
N TYR A 6 5.16 -19.28 -34.83
CA TYR A 6 5.68 -18.16 -34.04
C TYR A 6 5.80 -16.91 -34.89
N TRP A 7 6.02 -15.77 -34.22
CA TRP A 7 6.42 -14.54 -34.89
C TRP A 7 7.71 -14.77 -35.67
N ASN A 8 7.94 -13.96 -36.70
CA ASN A 8 9.16 -14.04 -37.50
C ASN A 8 10.32 -13.33 -36.78
N ILE A 9 10.61 -13.78 -35.56
CA ILE A 9 11.76 -13.31 -34.81
C ILE A 9 12.47 -14.45 -34.08
N ARG A 10 13.57 -14.13 -33.44
CA ARG A 10 14.16 -15.02 -32.44
C ARG A 10 13.15 -15.36 -31.35
N GLY A 11 12.97 -14.44 -30.42
CA GLY A 11 11.97 -14.60 -29.35
C GLY A 11 12.03 -15.90 -28.58
N LEU A 12 10.87 -16.42 -28.22
CA LEU A 12 10.76 -17.68 -27.47
C LEU A 12 11.01 -18.91 -28.33
N ALA A 13 11.16 -18.74 -29.64
CA ALA A 13 11.35 -19.89 -30.53
C ALA A 13 12.81 -20.32 -30.70
N HIS A 14 13.75 -19.55 -30.19
CA HIS A 14 15.15 -19.82 -30.47
C HIS A 14 15.56 -21.21 -30.01
N SER A 15 15.37 -21.47 -28.71
CA SER A 15 15.72 -22.76 -28.15
C SER A 15 15.01 -23.92 -28.85
N ILE A 16 13.77 -23.68 -29.25
CA ILE A 16 12.92 -24.69 -29.88
C ILE A 16 13.45 -25.08 -31.27
N ARG A 17 13.75 -24.08 -32.08
CA ARG A 17 14.27 -24.30 -33.44
C ARG A 17 15.62 -24.99 -33.38
N LEU A 18 16.44 -24.61 -32.40
CA LEU A 18 17.73 -25.24 -32.21
C LEU A 18 17.59 -26.70 -31.76
N LEU A 19 16.59 -27.00 -30.93
CA LEU A 19 16.40 -28.35 -30.43
C LEU A 19 15.84 -29.24 -31.53
N LEU A 20 14.90 -28.71 -32.31
CA LEU A 20 14.38 -29.42 -33.46
C LEU A 20 15.53 -29.80 -34.40
N GLU A 21 16.46 -28.86 -34.59
CA GLU A 21 17.61 -29.07 -35.49
C GLU A 21 18.59 -30.12 -34.97
N TYR A 22 18.99 -29.99 -33.71
CA TYR A 22 19.84 -30.99 -33.07
C TYR A 22 19.28 -32.41 -33.13
N THR A 23 17.95 -32.54 -33.08
CA THR A 23 17.30 -33.84 -33.00
C THR A 23 16.87 -34.40 -34.37
N ASP A 24 17.25 -33.73 -35.46
CA ASP A 24 16.91 -34.17 -36.82
C ASP A 24 15.41 -34.24 -37.06
N SER A 25 14.68 -33.42 -36.32
CA SER A 25 13.23 -33.40 -36.43
C SER A 25 12.78 -32.87 -37.78
N SER A 26 11.73 -33.46 -38.32
CA SER A 26 11.13 -32.94 -39.54
C SER A 26 10.12 -31.87 -39.18
N TYR A 27 10.42 -30.62 -39.50
CA TYR A 27 9.52 -29.54 -39.15
C TYR A 27 9.39 -28.46 -40.19
N GLU A 28 8.21 -27.86 -40.22
CA GLU A 28 7.82 -26.80 -41.12
C GLU A 28 7.53 -25.60 -40.22
N GLU A 29 7.59 -24.39 -40.76
CA GLU A 29 7.33 -23.21 -39.93
C GLU A 29 6.28 -22.27 -40.48
N LYS A 30 5.32 -21.97 -39.61
CA LYS A 30 4.32 -20.96 -39.88
C LYS A 30 4.81 -19.70 -39.15
N LYS A 31 5.33 -18.75 -39.93
CA LYS A 31 5.87 -17.49 -39.38
C LYS A 31 4.84 -16.40 -39.53
N TYR A 32 4.55 -15.71 -38.44
CA TYR A 32 3.63 -14.57 -38.48
C TYR A 32 4.41 -13.26 -38.47
N THR A 33 3.88 -12.27 -39.19
CA THR A 33 4.47 -10.95 -39.26
C THR A 33 3.60 -9.98 -38.48
N MET A 34 4.22 -9.19 -37.60
CA MET A 34 3.54 -8.12 -36.90
C MET A 34 3.63 -6.86 -37.78
N GLY A 35 2.60 -6.03 -37.70
CA GLY A 35 2.60 -4.76 -38.44
C GLY A 35 3.45 -3.73 -37.72
N ASP A 36 3.80 -2.65 -38.44
CA ASP A 36 4.56 -1.54 -37.88
C ASP A 36 3.76 -0.74 -36.85
N ALA A 37 4.48 -0.01 -36.00
CA ALA A 37 3.91 0.87 -35.02
C ALA A 37 3.18 1.99 -35.68
N PRO A 38 2.14 2.47 -35.06
CA PRO A 38 1.98 2.47 -33.63
C PRO A 38 1.06 1.38 -33.18
N ASP A 39 0.53 0.62 -34.11
CA ASP A 39 -0.59 -0.22 -33.86
C ASP A 39 -0.32 -1.69 -34.07
N TYR A 40 0.69 -2.06 -34.81
CA TYR A 40 1.23 -3.34 -34.48
C TYR A 40 0.13 -4.32 -34.77
N ASP A 41 -0.52 -4.10 -35.89
CA ASP A 41 -1.57 -4.96 -36.39
C ASP A 41 -1.14 -6.44 -36.29
N ARG A 42 -1.96 -7.23 -35.61
CA ARG A 42 -1.63 -8.63 -35.36
C ARG A 42 -2.56 -9.61 -36.08
N SER A 43 -3.34 -9.09 -37.03
CA SER A 43 -4.43 -9.85 -37.65
C SER A 43 -3.99 -11.21 -38.19
N GLN A 44 -2.82 -11.27 -38.82
CA GLN A 44 -2.29 -12.51 -39.35
C GLN A 44 -2.42 -13.64 -38.31
N TRP A 45 -1.99 -13.35 -37.09
CA TRP A 45 -2.09 -14.33 -36.01
C TRP A 45 -3.52 -14.42 -35.48
N LEU A 46 -4.21 -13.29 -35.43
CA LEU A 46 -5.44 -13.16 -34.66
C LEU A 46 -6.61 -13.82 -35.39
N ASN A 47 -6.46 -13.99 -36.70
CA ASN A 47 -7.52 -14.57 -37.53
C ASN A 47 -7.36 -16.08 -37.66
N GLU A 48 -6.31 -16.61 -37.03
CA GLU A 48 -5.97 -18.01 -37.15
C GLU A 48 -5.91 -18.61 -35.76
N LYS A 49 -5.81 -17.73 -34.77
CA LYS A 49 -5.53 -18.09 -33.38
C LYS A 49 -6.45 -19.16 -32.77
N PHE A 50 -7.74 -19.08 -33.06
CA PHE A 50 -8.70 -20.02 -32.48
C PHE A 50 -9.15 -21.11 -33.46
N LYS A 51 -8.38 -21.29 -34.54
CA LYS A 51 -8.74 -22.26 -35.57
C LYS A 51 -7.69 -23.35 -35.73
N LEU A 52 -6.87 -23.54 -34.70
CA LEU A 52 -5.76 -24.49 -34.77
C LEU A 52 -5.94 -25.67 -33.83
N GLY A 53 -7.00 -25.66 -33.03
CA GLY A 53 -7.31 -26.78 -32.15
C GLY A 53 -6.50 -26.81 -30.87
N LEU A 54 -5.96 -25.65 -30.50
CA LEU A 54 -5.13 -25.50 -29.31
C LEU A 54 -6.00 -25.21 -28.10
N ASP A 55 -5.72 -25.91 -27.01
CA ASP A 55 -6.43 -25.73 -25.75
C ASP A 55 -6.25 -24.31 -25.23
N PHE A 56 -5.04 -23.77 -25.36
CA PHE A 56 -4.78 -22.39 -24.96
C PHE A 56 -4.00 -21.72 -26.07
N PRO A 57 -4.71 -21.18 -27.09
CA PRO A 57 -4.02 -20.54 -28.21
C PRO A 57 -2.96 -19.55 -27.73
N ASN A 58 -1.76 -19.69 -28.26
CA ASN A 58 -0.61 -18.90 -27.82
C ASN A 58 0.51 -19.04 -28.83
N LEU A 59 1.52 -18.19 -28.71
CA LEU A 59 2.71 -18.27 -29.55
C LEU A 59 3.92 -18.35 -28.63
N PRO A 60 4.81 -19.32 -28.87
CA PRO A 60 4.84 -20.31 -29.95
C PRO A 60 3.89 -21.49 -29.77
N TYR A 61 3.51 -22.14 -30.88
CA TYR A 61 2.78 -23.43 -30.85
C TYR A 61 3.49 -24.50 -31.68
N LEU A 62 3.30 -25.75 -31.29
CA LEU A 62 3.76 -26.89 -32.08
C LEU A 62 2.63 -27.85 -32.41
N ILE A 63 2.48 -28.17 -33.67
CA ILE A 63 1.60 -29.20 -34.14
C ILE A 63 2.35 -30.41 -34.52
N ASP A 64 2.28 -31.43 -33.70
CA ASP A 64 2.77 -32.75 -34.02
C ASP A 64 1.76 -33.87 -34.04
N GLY A 65 1.13 -34.09 -35.16
CA GLY A 65 0.15 -35.13 -35.31
C GLY A 65 -1.08 -34.83 -34.53
N THR A 66 -1.50 -35.75 -33.69
CA THR A 66 -2.58 -35.41 -32.76
C THR A 66 -2.16 -34.43 -31.67
N HIS A 67 -0.86 -34.34 -31.42
CA HIS A 67 -0.39 -33.56 -30.32
C HIS A 67 -0.30 -32.10 -30.61
N LYS A 68 -0.97 -31.28 -29.82
CA LYS A 68 -1.01 -29.84 -30.10
C LYS A 68 -0.59 -29.06 -28.86
N ILE A 69 0.59 -28.47 -28.94
CA ILE A 69 1.25 -27.91 -27.77
C ILE A 69 1.47 -26.41 -27.87
N THR A 70 1.16 -25.71 -26.78
CA THR A 70 1.65 -24.34 -26.59
C THR A 70 2.50 -24.23 -25.33
N GLN A 71 3.03 -23.04 -25.08
CA GLN A 71 3.92 -22.82 -23.95
C GLN A 71 5.31 -23.37 -24.23
N SER A 72 6.31 -22.48 -24.24
CA SER A 72 7.60 -22.79 -24.84
C SER A 72 8.31 -23.92 -24.10
N ASN A 73 8.19 -23.90 -22.78
CA ASN A 73 8.77 -24.96 -21.94
C ASN A 73 8.10 -26.32 -22.19
N ALA A 74 6.80 -26.31 -22.47
CA ALA A 74 6.08 -27.56 -22.73
C ALA A 74 6.51 -28.16 -24.07
N ILE A 75 6.66 -27.30 -25.07
CA ILE A 75 7.14 -27.70 -26.39
C ILE A 75 8.56 -28.28 -26.30
N LEU A 76 9.46 -27.59 -25.60
CA LEU A 76 10.83 -28.06 -25.44
C LEU A 76 10.85 -29.42 -24.80
N ARG A 77 10.13 -29.56 -23.69
CA ARG A 77 10.14 -30.81 -22.92
C ARG A 77 9.56 -31.96 -23.77
N TYR A 78 8.65 -31.61 -24.70
CA TYR A 78 7.99 -32.58 -25.54
C TYR A 78 8.97 -33.21 -26.55
N ILE A 79 9.73 -32.35 -27.20
CA ILE A 79 10.77 -32.78 -28.12
C ILE A 79 11.87 -33.51 -27.35
N ALA A 80 12.22 -33.00 -26.18
CA ALA A 80 13.32 -33.57 -25.39
C ALA A 80 13.04 -35.03 -25.00
N ARG A 81 11.83 -35.30 -24.53
CA ARG A 81 11.47 -36.65 -24.12
C ARG A 81 11.55 -37.65 -25.27
N LYS A 82 11.17 -37.24 -26.48
CA LYS A 82 11.28 -38.08 -27.65
C LYS A 82 12.70 -38.63 -27.83
N HIS A 83 13.71 -37.84 -27.47
CA HIS A 83 15.09 -38.21 -27.76
C HIS A 83 15.97 -38.38 -26.52
N ASN A 84 15.36 -38.72 -25.40
CA ASN A 84 16.07 -38.87 -24.14
C ASN A 84 17.00 -37.68 -23.86
N LEU A 85 16.46 -36.48 -24.02
CA LEU A 85 17.19 -35.26 -23.70
C LEU A 85 16.65 -34.61 -22.43
N CYS A 86 16.54 -35.40 -21.36
CA CYS A 86 16.08 -34.89 -20.08
C CYS A 86 16.99 -35.36 -18.94
N GLY A 87 16.91 -34.70 -17.79
CA GLY A 87 17.55 -35.17 -16.59
C GLY A 87 17.01 -36.52 -16.13
N GLU A 88 17.90 -37.38 -15.68
CA GLU A 88 17.55 -38.77 -15.39
C GLU A 88 17.45 -39.02 -13.89
N SER A 89 18.54 -38.75 -13.18
CA SER A 89 18.56 -38.86 -11.73
C SER A 89 17.71 -37.77 -11.08
N GLU A 90 17.37 -37.97 -9.81
CA GLU A 90 16.60 -36.97 -9.06
C GLU A 90 17.35 -35.61 -8.98
N LYS A 91 18.64 -35.67 -8.71
CA LYS A 91 19.49 -34.49 -8.67
C LYS A 91 19.44 -33.74 -10.01
N GLU A 92 19.60 -34.46 -11.10
CA GLU A 92 19.45 -33.88 -12.44
C GLU A 92 18.11 -33.21 -12.66
N GLN A 93 17.03 -33.85 -12.20
CA GLN A 93 15.68 -33.32 -12.34
C GLN A 93 15.46 -32.04 -11.54
N ILE A 94 15.98 -32.00 -10.32
CA ILE A 94 15.90 -30.80 -9.50
C ILE A 94 16.60 -29.63 -10.18
N ARG A 95 17.84 -29.86 -10.63
CA ARG A 95 18.62 -28.84 -11.34
C ARG A 95 17.96 -28.42 -12.65
N GLU A 96 17.41 -29.37 -13.38
CA GLU A 96 16.69 -29.10 -14.63
C GLU A 96 15.49 -28.14 -14.39
N ASP A 97 14.71 -28.45 -13.36
CA ASP A 97 13.56 -27.65 -12.95
C ASP A 97 13.99 -26.25 -12.49
N ILE A 98 14.97 -26.18 -11.59
CA ILE A 98 15.45 -24.89 -11.12
C ILE A 98 15.87 -24.03 -12.30
N LEU A 99 16.68 -24.58 -13.21
CA LEU A 99 17.25 -23.81 -14.31
C LEU A 99 16.23 -23.33 -15.31
N GLU A 100 15.31 -24.22 -15.71
CA GLU A 100 14.26 -23.88 -16.66
C GLU A 100 13.49 -22.68 -16.14
N ASN A 101 13.26 -22.64 -14.84
CA ASN A 101 12.49 -21.55 -14.26
C ASN A 101 13.37 -20.32 -14.08
N GLN A 102 14.60 -20.54 -13.63
CA GLN A 102 15.56 -19.47 -13.42
C GLN A 102 15.91 -18.74 -14.73
N PHE A 103 16.18 -19.51 -15.78
CA PHE A 103 16.44 -18.92 -17.07
C PHE A 103 15.26 -18.11 -17.60
N MET A 104 14.05 -18.60 -17.37
CA MET A 104 12.85 -17.86 -17.77
C MET A 104 12.78 -16.49 -17.07
N ASP A 105 13.14 -16.47 -15.79
CA ASP A 105 13.16 -15.22 -15.02
C ASP A 105 14.20 -14.25 -15.58
N SER A 106 15.40 -14.75 -15.88
CA SER A 106 16.42 -13.93 -16.53
C SER A 106 15.89 -13.42 -17.85
N ARG A 107 15.30 -14.32 -18.65
CA ARG A 107 14.76 -13.98 -19.96
C ARG A 107 13.77 -12.83 -19.87
N MET A 108 12.79 -12.99 -18.97
CA MET A 108 11.77 -11.95 -18.78
C MET A 108 12.36 -10.62 -18.30
N GLN A 109 13.38 -10.66 -17.45
CA GLN A 109 14.07 -9.45 -16.98
C GLN A 109 14.69 -8.64 -18.11
N LEU A 110 15.32 -9.30 -19.08
CA LEU A 110 15.86 -8.60 -20.23
C LEU A 110 14.73 -8.03 -21.10
N ALA A 111 13.65 -8.78 -21.20
CA ALA A 111 12.48 -8.40 -22.01
C ALA A 111 11.78 -7.17 -21.45
N LYS A 112 11.58 -7.18 -20.13
CA LYS A 112 10.97 -6.10 -19.40
C LYS A 112 11.78 -4.82 -19.63
N LEU A 113 13.10 -4.94 -19.67
CA LEU A 113 13.98 -3.79 -19.96
C LEU A 113 13.86 -3.29 -21.38
N CYS A 114 13.96 -4.20 -22.35
CA CYS A 114 14.06 -3.83 -23.76
C CYS A 114 12.73 -3.39 -24.38
N TYR A 115 11.63 -3.65 -23.67
CA TYR A 115 10.31 -3.24 -24.14
C TYR A 115 9.81 -1.93 -23.51
N ASP A 116 10.56 -1.44 -22.53
CA ASP A 116 10.21 -0.25 -21.76
C ASP A 116 10.63 1.03 -22.47
N PRO A 117 9.69 1.98 -22.64
CA PRO A 117 10.05 3.28 -23.26
C PRO A 117 11.19 4.01 -22.53
N ASP A 118 11.36 3.73 -21.24
CA ASP A 118 12.46 4.28 -20.42
C ASP A 118 13.74 3.45 -20.50
N PHE A 119 13.87 2.68 -21.59
CA PHE A 119 15.01 1.82 -21.85
C PHE A 119 16.36 2.47 -21.50
N GLU A 120 16.62 3.61 -22.06
CA GLU A 120 17.87 4.29 -21.90
C GLU A 120 18.29 4.60 -20.49
N LYS A 121 17.34 5.02 -19.71
CA LYS A 121 17.51 5.32 -18.33
C LYS A 121 17.51 4.14 -17.47
N LEU A 122 16.92 3.05 -17.94
CA LEU A 122 16.88 1.84 -17.16
C LEU A 122 17.99 0.86 -17.44
N LYS A 123 18.52 0.90 -18.64
CA LYS A 123 19.69 0.12 -19.05
C LYS A 123 20.80 -0.03 -17.99
N PRO A 124 21.32 1.09 -17.43
CA PRO A 124 22.50 0.93 -16.56
C PRO A 124 22.28 0.10 -15.29
N GLU A 125 21.07 0.14 -14.73
CA GLU A 125 20.75 -0.71 -13.57
C GLU A 125 20.81 -2.20 -13.92
N TYR A 126 20.35 -2.53 -15.13
CA TYR A 126 20.42 -3.90 -15.64
C TYR A 126 21.88 -4.34 -15.82
N LEU A 127 22.73 -3.46 -16.30
CA LEU A 127 24.10 -3.72 -16.50
C LEU A 127 24.93 -3.90 -15.24
N GLN A 128 24.61 -3.12 -14.23
CA GLN A 128 25.09 -3.31 -12.89
C GLN A 128 24.74 -4.62 -12.19
N ALA A 129 23.57 -5.13 -12.48
CA ALA A 129 23.08 -6.36 -11.87
C ALA A 129 23.49 -7.63 -12.64
N LEU A 130 23.77 -7.44 -13.93
CA LEU A 130 24.18 -8.52 -14.84
C LEU A 130 25.38 -9.37 -14.39
N PRO A 131 26.48 -8.75 -13.93
CA PRO A 131 27.56 -9.65 -13.53
C PRO A 131 27.15 -10.61 -12.43
N GLU A 132 26.31 -10.17 -11.50
CA GLU A 132 25.88 -11.03 -10.41
C GLU A 132 25.05 -12.20 -10.95
N MET A 133 24.21 -11.90 -11.92
CA MET A 133 23.37 -12.90 -12.55
C MET A 133 24.20 -13.97 -13.29
N LEU A 134 25.17 -13.51 -14.07
CA LEU A 134 26.02 -14.40 -14.83
C LEU A 134 26.93 -15.22 -13.92
N LYS A 135 27.35 -14.64 -12.81
CA LYS A 135 28.17 -15.33 -11.84
C LYS A 135 27.47 -16.58 -11.28
N LEU A 136 26.19 -16.43 -10.94
CA LEU A 136 25.40 -17.53 -10.40
C LEU A 136 25.32 -18.70 -11.38
N TYR A 137 25.03 -18.40 -12.66
CA TYR A 137 25.08 -19.40 -13.71
C TYR A 137 26.48 -20.04 -13.88
N SER A 138 27.51 -19.22 -13.85
CA SER A 138 28.88 -19.69 -13.94
C SER A 138 29.25 -20.63 -12.80
N GLN A 139 28.88 -20.26 -11.57
CA GLN A 139 29.13 -21.14 -10.43
C GLN A 139 28.35 -22.45 -10.54
N PHE A 140 27.16 -22.40 -11.14
CA PHE A 140 26.34 -23.58 -11.31
C PHE A 140 26.88 -24.55 -12.38
N LEU A 141 27.32 -24.03 -13.52
CA LEU A 141 27.94 -24.83 -14.55
C LEU A 141 29.24 -25.49 -14.06
N GLY A 142 30.06 -24.73 -13.32
CA GLY A 142 31.33 -25.23 -12.84
C GLY A 142 32.19 -25.79 -13.96
N LYS A 143 32.86 -26.91 -13.70
CA LYS A 143 33.74 -27.56 -14.68
C LYS A 143 32.98 -28.58 -15.56
N GLN A 144 31.65 -28.48 -15.59
CA GLN A 144 30.80 -29.38 -16.34
C GLN A 144 30.64 -28.88 -17.77
N PRO A 145 30.59 -29.80 -18.74
CA PRO A 145 30.38 -29.39 -20.13
C PRO A 145 28.94 -28.95 -20.43
N TRP A 146 27.97 -29.50 -19.72
CA TRP A 146 26.58 -29.08 -19.87
C TRP A 146 25.98 -28.87 -18.49
N PHE A 147 24.83 -28.20 -18.42
CA PHE A 147 24.28 -27.78 -17.12
C PHE A 147 23.78 -28.92 -16.23
N LEU A 148 23.50 -30.09 -16.81
CA LEU A 148 23.10 -31.22 -15.96
C LEU A 148 24.21 -32.26 -15.79
N GLY A 149 25.39 -31.96 -16.33
CA GLY A 149 26.54 -32.81 -16.15
C GLY A 149 27.14 -33.27 -17.45
N ASP A 150 27.12 -34.56 -17.68
CA ASP A 150 27.87 -35.12 -18.76
C ASP A 150 27.25 -35.11 -20.12
N LYS A 151 25.96 -34.91 -20.18
CA LYS A 151 25.22 -34.89 -21.40
C LYS A 151 24.40 -33.66 -21.54
N ILE A 152 24.21 -33.27 -22.76
CA ILE A 152 23.28 -32.28 -23.14
C ILE A 152 21.79 -32.62 -22.96
N THR A 153 21.01 -31.66 -22.52
CA THR A 153 19.61 -31.80 -22.25
C THR A 153 18.91 -30.55 -22.72
N PHE A 154 17.60 -30.51 -22.74
CA PHE A 154 16.88 -29.34 -23.28
C PHE A 154 17.21 -28.03 -22.56
N VAL A 155 17.68 -28.12 -21.31
CA VAL A 155 17.94 -26.92 -20.54
C VAL A 155 19.16 -26.15 -21.06
N ASP A 156 20.11 -26.87 -21.65
CA ASP A 156 21.26 -26.27 -22.32
C ASP A 156 20.87 -25.39 -23.51
N PHE A 157 19.73 -25.71 -24.12
CA PHE A 157 19.23 -24.96 -25.27
C PHE A 157 18.61 -23.64 -24.81
N ILE A 158 17.95 -23.69 -23.64
CA ILE A 158 17.43 -22.50 -22.99
C ILE A 158 18.61 -21.63 -22.54
N ALA A 159 19.58 -22.27 -21.87
CA ALA A 159 20.76 -21.60 -21.40
C ALA A 159 21.41 -20.85 -22.54
N TYR A 160 21.62 -21.56 -23.65
CA TYR A 160 22.33 -20.96 -24.77
C TYR A 160 21.63 -19.68 -25.24
N ASP A 161 20.31 -19.74 -25.30
CA ASP A 161 19.54 -18.64 -25.86
C ASP A 161 19.69 -17.44 -24.95
N VAL A 162 19.58 -17.67 -23.64
CA VAL A 162 19.55 -16.58 -22.68
C VAL A 162 20.96 -16.00 -22.50
N LEU A 163 21.96 -16.87 -22.35
CA LEU A 163 23.34 -16.38 -22.22
C LEU A 163 23.76 -15.60 -23.45
N GLU A 164 23.54 -16.17 -24.63
CA GLU A 164 24.02 -15.58 -25.86
C GLU A 164 23.38 -14.22 -26.13
N ARG A 165 22.07 -14.11 -25.91
CA ARG A 165 21.39 -12.87 -26.22
C ARG A 165 21.82 -11.72 -25.30
N ASN A 166 22.32 -12.06 -24.12
CA ASN A 166 22.95 -11.10 -23.23
C ASN A 166 24.32 -10.67 -23.76
N GLN A 167 25.02 -11.59 -24.42
CA GLN A 167 26.27 -11.27 -25.14
C GLN A 167 25.96 -10.29 -26.29
N VAL A 168 24.89 -10.54 -27.04
CA VAL A 168 24.38 -9.57 -28.04
C VAL A 168 24.02 -8.20 -27.40
N PHE A 169 23.52 -8.22 -26.16
CA PHE A 169 23.12 -6.99 -25.50
C PHE A 169 24.32 -6.22 -24.98
N GLU A 170 25.19 -6.90 -24.24
CA GLU A 170 26.48 -6.38 -23.80
C GLU A 170 27.62 -7.37 -24.18
N PRO A 171 28.34 -7.06 -25.27
CA PRO A 171 29.30 -8.04 -25.83
C PRO A 171 30.45 -8.43 -24.90
N SER A 172 30.61 -7.74 -23.77
CA SER A 172 31.74 -8.01 -22.90
C SER A 172 31.32 -8.75 -21.65
N CYS A 173 30.01 -9.01 -21.53
CA CYS A 173 29.45 -9.50 -20.27
C CYS A 173 29.95 -10.89 -19.87
N LEU A 174 30.42 -11.67 -20.84
CA LEU A 174 30.89 -13.03 -20.56
C LEU A 174 32.41 -13.17 -20.36
N ASP A 175 33.14 -12.06 -20.45
CA ASP A 175 34.59 -12.05 -20.37
C ASP A 175 35.11 -12.60 -19.04
N ALA A 176 34.50 -12.19 -17.94
CA ALA A 176 34.94 -12.63 -16.63
C ALA A 176 34.60 -14.10 -16.34
N PHE A 177 33.81 -14.73 -17.21
CA PHE A 177 33.37 -16.11 -16.99
C PHE A 177 33.81 -17.05 -18.12
N PRO A 178 35.07 -17.51 -18.09
CA PRO A 178 35.52 -18.45 -19.14
C PRO A 178 34.61 -19.68 -19.32
N ASN A 179 34.15 -20.32 -18.24
CA ASN A 179 33.26 -21.49 -18.45
C ASN A 179 32.00 -21.16 -19.25
N LEU A 180 31.49 -19.93 -19.08
CA LEU A 180 30.28 -19.53 -19.76
C LEU A 180 30.50 -19.34 -21.25
N LYS A 181 31.58 -18.65 -21.61
CA LYS A 181 31.87 -18.58 -23.04
C LYS A 181 32.31 -19.92 -23.67
N ASP A 182 33.06 -20.72 -22.93
CA ASP A 182 33.38 -22.06 -23.43
C ASP A 182 32.09 -22.87 -23.67
N PHE A 183 31.10 -22.68 -22.79
CA PHE A 183 29.79 -23.28 -22.97
C PHE A 183 29.17 -22.86 -24.30
N ILE A 184 29.17 -21.55 -24.56
CA ILE A 184 28.70 -21.01 -25.83
C ILE A 184 29.44 -21.61 -27.02
N SER A 185 30.77 -21.59 -27.02
CA SER A 185 31.55 -22.22 -28.11
C SER A 185 31.16 -23.66 -28.29
N ARG A 186 31.06 -24.38 -27.18
CA ARG A 186 30.85 -25.82 -27.21
C ARG A 186 29.51 -26.11 -27.88
N PHE A 187 28.50 -25.31 -27.52
CA PHE A 187 27.17 -25.48 -28.06
C PHE A 187 27.14 -25.19 -29.56
N GLU A 188 27.72 -24.07 -29.96
CA GLU A 188 27.74 -23.67 -31.36
C GLU A 188 28.63 -24.59 -32.22
N GLY A 189 29.53 -25.30 -31.54
CA GLY A 189 30.45 -26.19 -32.21
C GLY A 189 29.86 -27.57 -32.48
N LEU A 190 28.63 -27.78 -31.99
CA LEU A 190 27.91 -29.03 -32.24
C LEU A 190 27.59 -29.14 -33.72
N GLU A 191 27.85 -30.31 -34.29
CA GLU A 191 27.83 -30.48 -35.73
C GLU A 191 26.52 -29.98 -36.35
N LYS A 192 25.40 -30.50 -35.87
CA LYS A 192 24.10 -30.13 -36.44
C LYS A 192 23.75 -28.68 -36.18
N ILE A 193 24.33 -28.09 -35.12
CA ILE A 193 24.11 -26.67 -34.79
C ILE A 193 24.90 -25.71 -35.67
N SER A 194 26.20 -25.93 -35.90
CA SER A 194 26.93 -25.04 -36.82
C SER A 194 26.37 -25.10 -38.23
N ALA A 195 26.02 -26.30 -38.68
CA ALA A 195 25.39 -26.49 -39.99
C ALA A 195 24.11 -25.68 -40.09
N TYR A 196 23.26 -25.78 -39.07
CA TYR A 196 22.05 -24.95 -38.98
C TYR A 196 22.37 -23.48 -38.98
N MET A 197 23.38 -23.08 -38.22
CA MET A 197 23.72 -21.65 -38.08
C MET A 197 24.28 -21.05 -39.36
N LYS A 198 24.88 -21.91 -40.19
CA LYS A 198 25.39 -21.50 -41.51
C LYS A 198 24.30 -21.54 -42.58
N SER A 199 23.18 -22.19 -42.28
CA SER A 199 22.08 -22.28 -43.23
C SER A 199 21.28 -20.98 -43.30
N SER A 200 20.32 -20.91 -44.22
CA SER A 200 19.48 -19.73 -44.34
C SER A 200 18.22 -19.84 -43.46
N ARG A 201 18.03 -20.98 -42.81
CA ARG A 201 16.93 -21.18 -41.87
C ARG A 201 17.21 -20.52 -40.53
N PHE A 202 18.48 -20.14 -40.31
CA PHE A 202 18.92 -19.52 -39.06
C PHE A 202 18.39 -18.09 -38.90
N LEU A 203 17.71 -17.83 -37.79
CA LEU A 203 17.11 -16.54 -37.54
C LEU A 203 17.56 -15.96 -36.20
N PRO A 204 18.79 -15.39 -36.16
CA PRO A 204 19.30 -14.84 -34.90
C PRO A 204 18.71 -13.47 -34.57
N ARG A 205 18.25 -12.76 -35.60
CA ARG A 205 17.69 -11.41 -35.44
C ARG A 205 16.38 -11.31 -36.22
N PRO A 206 15.42 -10.47 -35.77
CA PRO A 206 15.42 -9.64 -34.57
C PRO A 206 15.10 -10.45 -33.33
N VAL A 207 15.66 -10.02 -32.20
CA VAL A 207 15.51 -10.72 -30.94
C VAL A 207 14.07 -10.66 -30.46
N PHE A 208 13.49 -9.46 -30.46
CA PHE A 208 12.13 -9.25 -30.00
C PHE A 208 11.21 -8.76 -31.10
N THR A 209 9.95 -8.47 -30.75
CA THR A 209 9.00 -7.92 -31.72
C THR A 209 9.17 -6.43 -31.98
N LYS A 210 8.39 -5.93 -32.94
CA LYS A 210 8.40 -4.53 -33.33
C LYS A 210 8.04 -3.59 -32.19
N MET A 211 7.43 -4.13 -31.13
CA MET A 211 7.05 -3.32 -29.96
C MET A 211 8.26 -2.90 -29.12
N ALA A 212 9.40 -3.55 -29.33
CA ALA A 212 10.57 -3.38 -28.49
C ALA A 212 11.38 -2.14 -28.86
N VAL A 213 11.97 -1.51 -27.84
CA VAL A 213 12.87 -0.37 -28.04
C VAL A 213 14.26 -0.86 -28.47
N TRP A 214 14.77 -1.88 -27.79
CA TRP A 214 16.00 -2.56 -28.20
C TRP A 214 15.69 -3.91 -28.84
N GLY A 215 16.35 -4.18 -29.97
CA GLY A 215 16.25 -5.46 -30.69
C GLY A 215 14.96 -5.68 -31.46
N ASN A 216 14.67 -4.83 -32.45
CA ASN A 216 13.35 -4.85 -33.09
C ASN A 216 13.03 -5.11 -34.60
N LYS A 217 13.90 -5.07 -35.61
CA LYS A 217 15.32 -4.68 -35.70
C LYS A 217 16.36 -5.51 -34.93
N PRO B 1 13.35 -31.95 10.05
CA PRO B 1 12.42 -31.73 8.97
C PRO B 1 12.97 -30.81 8.01
N MET B 2 12.26 -30.69 6.92
CA MET B 2 12.62 -29.79 5.85
C MET B 2 12.13 -28.36 6.15
N THR B 3 12.70 -27.37 5.46
CA THR B 3 12.38 -25.98 5.75
C THR B 3 11.81 -25.29 4.53
N LEU B 4 10.66 -24.64 4.68
CA LEU B 4 10.13 -23.80 3.63
C LEU B 4 10.31 -22.32 3.97
N GLY B 5 11.10 -21.62 3.14
CA GLY B 5 11.37 -20.21 3.36
C GLY B 5 10.52 -19.38 2.43
N TYR B 6 9.76 -18.46 3.02
CA TYR B 6 8.99 -17.50 2.24
C TYR B 6 8.71 -16.23 3.05
N TRP B 7 8.16 -15.23 2.36
CA TRP B 7 7.57 -14.08 3.02
C TRP B 7 6.36 -14.54 3.84
N ASN B 8 6.08 -13.87 4.97
CA ASN B 8 4.93 -14.23 5.80
C ASN B 8 3.59 -13.80 5.14
N ILE B 9 3.41 -14.26 3.90
CA ILE B 9 2.23 -13.99 3.06
C ILE B 9 1.88 -15.28 2.30
N ARG B 10 0.81 -15.23 1.52
CA ARG B 10 0.34 -16.37 0.75
C ARG B 10 1.25 -16.57 -0.47
N GLY B 11 1.21 -15.61 -1.39
CA GLY B 11 2.13 -15.53 -2.52
C GLY B 11 2.31 -16.82 -3.29
N LEU B 12 3.57 -17.18 -3.51
CA LEU B 12 3.95 -18.35 -4.30
C LEU B 12 4.11 -19.59 -3.45
N ALA B 13 3.90 -19.45 -2.15
CA ALA B 13 4.05 -20.57 -1.24
C ALA B 13 2.71 -21.25 -0.92
N HIS B 14 1.62 -20.74 -1.47
CA HIS B 14 0.30 -21.27 -1.12
C HIS B 14 0.15 -22.73 -1.54
N SER B 15 0.31 -22.98 -2.84
CA SER B 15 0.19 -24.32 -3.39
C SER B 15 1.24 -25.25 -2.80
N ILE B 16 2.44 -24.73 -2.59
CA ILE B 16 3.50 -25.47 -1.89
C ILE B 16 3.05 -25.91 -0.50
N ARG B 17 2.62 -24.95 0.33
CA ARG B 17 2.16 -25.27 1.69
C ARG B 17 1.02 -26.31 1.70
N LEU B 18 0.11 -26.19 0.73
CA LEU B 18 -1.00 -27.12 0.58
C LEU B 18 -0.50 -28.54 0.24
N LEU B 19 0.40 -28.61 -0.75
CA LEU B 19 0.99 -29.89 -1.18
C LEU B 19 1.77 -30.55 -0.06
N LEU B 20 2.49 -29.74 0.71
CA LEU B 20 3.25 -30.22 1.86
C LEU B 20 2.33 -30.89 2.86
N GLU B 21 1.17 -30.28 3.09
CA GLU B 21 0.17 -30.79 4.03
C GLU B 21 -0.52 -32.04 3.47
N TYR B 22 -0.79 -32.03 2.16
CA TYR B 22 -1.49 -33.15 1.50
C TYR B 22 -0.66 -34.43 1.51
N THR B 23 0.61 -34.27 1.71
CA THR B 23 1.58 -35.22 1.39
C THR B 23 2.04 -35.74 2.70
N ASP B 24 1.50 -35.18 3.75
CA ASP B 24 1.92 -35.40 5.10
C ASP B 24 3.37 -35.20 5.34
N SER B 25 3.89 -34.13 4.82
CA SER B 25 5.31 -33.82 4.92
C SER B 25 5.62 -33.28 6.31
N SER B 26 6.80 -33.64 6.81
CA SER B 26 7.34 -33.04 8.01
C SER B 26 8.16 -31.81 7.63
N TYR B 27 7.61 -30.63 7.88
CA TYR B 27 8.29 -29.39 7.54
C TYR B 27 8.09 -28.29 8.59
N GLU B 28 9.07 -27.40 8.70
CA GLU B 28 8.95 -26.16 9.46
C GLU B 28 8.97 -25.01 8.45
N GLU B 29 8.60 -23.81 8.90
CA GLU B 29 8.58 -22.65 8.02
C GLU B 29 9.41 -21.47 8.51
N LYS B 30 10.33 -20.99 7.67
CA LYS B 30 11.06 -19.77 7.93
C LYS B 30 10.27 -18.64 7.30
N LYS B 31 9.66 -17.81 8.14
CA LYS B 31 8.83 -16.72 7.65
C LYS B 31 9.60 -15.40 7.73
N TYR B 32 9.63 -14.68 6.62
CA TYR B 32 10.36 -13.42 6.51
C TYR B 32 9.39 -12.26 6.48
N THR B 33 9.70 -11.22 7.27
CA THR B 33 8.90 -10.01 7.28
C THR B 33 9.57 -8.89 6.50
N MET B 34 8.81 -8.28 5.59
CA MET B 34 9.25 -7.15 4.79
C MET B 34 8.84 -5.83 5.46
N GLY B 35 9.72 -4.82 5.36
CA GLY B 35 9.45 -3.50 5.93
C GLY B 35 8.31 -2.78 5.25
N ASP B 36 7.75 -1.81 5.96
CA ASP B 36 6.75 -0.93 5.39
C ASP B 36 7.30 -0.02 4.30
N ALA B 37 6.39 0.60 3.58
CA ALA B 37 6.72 1.71 2.77
C ALA B 37 7.05 2.91 3.60
N PRO B 38 8.00 3.67 3.11
CA PRO B 38 8.23 3.73 1.68
C PRO B 38 9.36 2.82 1.24
N ASP B 39 10.20 2.40 2.19
CA ASP B 39 11.41 1.66 1.86
C ASP B 39 11.07 0.26 1.35
N TYR B 40 10.09 -0.38 1.98
CA TYR B 40 9.92 -1.83 1.90
C TYR B 40 11.21 -2.55 2.26
N ASP B 41 11.68 -2.34 3.49
CA ASP B 41 12.91 -2.95 3.96
C ASP B 41 12.85 -4.48 3.82
N ARG B 42 13.86 -5.04 3.16
CA ARG B 42 13.92 -6.49 2.95
C ARG B 42 15.05 -7.13 3.76
N SER B 43 15.57 -6.42 4.76
CA SER B 43 16.86 -6.76 5.41
C SER B 43 16.92 -8.13 6.13
N GLN B 44 15.79 -8.54 6.72
CA GLN B 44 15.68 -9.86 7.36
C GLN B 44 15.98 -10.97 6.34
N TRP B 45 15.73 -10.77 5.07
CA TRP B 45 15.90 -11.84 4.13
C TRP B 45 17.28 -11.83 3.63
N LEU B 46 17.67 -10.65 3.23
CA LEU B 46 19.00 -10.27 2.89
C LEU B 46 20.18 -10.53 3.79
N ASN B 47 20.06 -10.66 5.10
CA ASN B 47 21.28 -11.03 5.77
C ASN B 47 21.65 -12.43 5.55
N GLU B 48 20.80 -13.16 4.86
CA GLU B 48 20.67 -14.59 5.02
C GLU B 48 20.68 -15.21 3.65
N LYS B 49 20.29 -14.42 2.68
CA LYS B 49 20.09 -14.82 1.28
C LYS B 49 21.22 -15.66 0.63
N PHE B 50 22.47 -15.27 0.86
CA PHE B 50 23.61 -15.96 0.26
C PHE B 50 24.32 -16.90 1.22
N LYS B 51 23.69 -17.15 2.36
CA LYS B 51 24.31 -17.94 3.41
C LYS B 51 23.55 -19.24 3.71
N LEU B 52 22.69 -19.64 2.79
CA LEU B 52 21.84 -20.83 2.97
C LEU B 52 22.18 -21.96 2.02
N GLY B 53 23.17 -21.75 1.16
CA GLY B 53 23.63 -22.78 0.23
C GLY B 53 22.74 -22.96 -0.99
N LEU B 54 21.97 -21.94 -1.31
CA LEU B 54 21.10 -21.97 -2.47
C LEU B 54 21.90 -21.53 -3.69
N ASP B 55 21.81 -22.29 -4.78
CA ASP B 55 22.51 -21.99 -6.03
C ASP B 55 22.02 -20.67 -6.62
N PHE B 56 20.71 -20.48 -6.67
CA PHE B 56 20.14 -19.20 -7.08
C PHE B 56 19.24 -18.70 -5.96
N PRO B 57 19.86 -18.05 -4.95
CA PRO B 57 19.13 -17.64 -3.74
C PRO B 57 17.88 -16.89 -4.12
N ASN B 58 16.74 -17.36 -3.60
CA ASN B 58 15.43 -16.86 -4.00
C ASN B 58 14.39 -17.24 -2.97
N LEU B 59 13.23 -16.62 -3.03
CA LEU B 59 12.08 -17.05 -2.24
C LEU B 59 10.91 -17.30 -3.17
N PRO B 60 10.18 -18.41 -2.99
CA PRO B 60 10.38 -19.38 -1.92
C PRO B 60 11.61 -20.26 -2.09
N TYR B 61 12.08 -20.83 -0.99
CA TYR B 61 13.08 -21.90 -1.03
C TYR B 61 12.66 -23.09 -0.18
N LEU B 62 13.16 -24.27 -0.51
CA LEU B 62 12.98 -25.43 0.36
C LEU B 62 14.31 -26.11 0.60
N ILE B 63 14.65 -26.36 1.86
CA ILE B 63 15.82 -27.16 2.22
C ILE B 63 15.32 -28.53 2.64
N ASP B 64 15.91 -29.59 2.10
CA ASP B 64 15.53 -30.95 2.47
C ASP B 64 16.75 -31.85 2.46
N GLY B 65 17.44 -31.91 3.60
CA GLY B 65 18.74 -32.58 3.69
C GLY B 65 19.72 -31.86 2.77
N THR B 66 20.31 -32.61 1.85
CA THR B 66 21.30 -32.07 0.92
C THR B 66 20.65 -31.46 -0.32
N HIS B 67 19.31 -31.42 -0.32
CA HIS B 67 18.56 -30.86 -1.44
C HIS B 67 18.07 -29.47 -1.10
N LYS B 68 18.59 -28.49 -1.84
CA LYS B 68 18.33 -27.10 -1.56
C LYS B 68 17.73 -26.48 -2.83
N ILE B 69 16.44 -26.17 -2.79
CA ILE B 69 15.71 -25.83 -4.01
C ILE B 69 15.07 -24.44 -3.95
N THR B 70 15.18 -23.71 -5.06
CA THR B 70 14.44 -22.48 -5.30
C THR B 70 13.60 -22.63 -6.57
N GLN B 71 12.87 -21.58 -6.92
CA GLN B 71 11.85 -21.62 -7.96
C GLN B 71 10.63 -22.45 -7.52
N SER B 72 9.49 -21.79 -7.38
CA SER B 72 8.26 -22.42 -6.87
C SER B 72 7.81 -23.68 -7.65
N ASN B 73 7.94 -23.64 -8.98
CA ASN B 73 7.62 -24.79 -9.82
C ASN B 73 8.52 -26.01 -9.53
N ALA B 74 9.80 -25.75 -9.28
CA ALA B 74 10.76 -26.79 -8.98
C ALA B 74 10.49 -27.40 -7.62
N ILE B 75 10.15 -26.55 -6.64
CA ILE B 75 9.83 -27.03 -5.29
C ILE B 75 8.62 -27.96 -5.37
N LEU B 76 7.61 -27.52 -6.10
CA LEU B 76 6.42 -28.33 -6.32
C LEU B 76 6.76 -29.67 -6.97
N ARG B 77 7.47 -29.66 -8.10
CA ARG B 77 7.84 -30.92 -8.77
C ARG B 77 8.69 -31.83 -7.88
N TYR B 78 9.48 -31.23 -6.99
CA TYR B 78 10.30 -32.05 -6.11
C TYR B 78 9.44 -32.84 -5.10
N ILE B 79 8.58 -32.14 -4.36
CA ILE B 79 7.68 -32.78 -3.39
C ILE B 79 6.72 -33.73 -4.10
N ALA B 80 6.18 -33.31 -5.24
CA ALA B 80 5.32 -34.15 -6.08
C ALA B 80 5.92 -35.50 -6.46
N ARG B 81 7.17 -35.51 -6.92
CA ARG B 81 7.82 -36.74 -7.37
C ARG B 81 8.02 -37.65 -6.18
N LYS B 82 8.20 -37.06 -5.01
CA LYS B 82 8.43 -37.83 -3.80
C LYS B 82 7.20 -38.68 -3.45
N HIS B 83 6.03 -38.25 -3.92
CA HIS B 83 4.78 -38.86 -3.53
C HIS B 83 3.94 -39.24 -4.75
N ASN B 84 4.62 -39.53 -5.85
CA ASN B 84 3.96 -40.04 -7.05
C ASN B 84 2.79 -39.17 -7.49
N LEU B 85 3.01 -37.86 -7.52
CA LEU B 85 1.96 -36.90 -7.83
C LEU B 85 2.16 -36.13 -9.14
N CYS B 86 2.71 -36.82 -10.14
CA CYS B 86 2.98 -36.22 -11.45
C CYS B 86 2.24 -36.96 -12.53
N GLY B 87 2.23 -36.38 -13.73
CA GLY B 87 1.65 -37.05 -14.89
C GLY B 87 2.45 -38.30 -15.16
N GLU B 88 1.75 -39.41 -15.34
CA GLU B 88 2.45 -40.68 -15.52
C GLU B 88 2.72 -40.95 -17.00
N SER B 89 1.68 -40.84 -17.82
CA SER B 89 1.79 -41.14 -19.24
C SER B 89 2.29 -39.92 -20.01
N GLU B 90 2.60 -40.15 -21.28
CA GLU B 90 3.07 -39.12 -22.20
C GLU B 90 2.06 -37.98 -22.34
N LYS B 91 0.80 -38.34 -22.61
CA LYS B 91 -0.28 -37.34 -22.79
C LYS B 91 -0.50 -36.52 -21.53
N GLU B 92 -0.33 -37.17 -20.37
CA GLU B 92 -0.51 -36.53 -19.08
C GLU B 92 0.63 -35.57 -18.78
N GLN B 93 1.84 -35.94 -19.19
CA GLN B 93 3.01 -35.08 -19.10
C GLN B 93 2.89 -33.82 -19.94
N ILE B 94 2.31 -33.93 -21.14
CA ILE B 94 2.13 -32.78 -22.01
C ILE B 94 1.21 -31.78 -21.33
N ARG B 95 0.08 -32.29 -20.84
CA ARG B 95 -0.90 -31.43 -20.17
C ARG B 95 -0.32 -30.79 -18.90
N GLU B 96 0.43 -31.59 -18.14
CA GLU B 96 1.16 -31.11 -16.97
C GLU B 96 2.04 -29.90 -17.30
N ASP B 97 2.82 -30.04 -18.36
CA ASP B 97 3.76 -29.01 -18.78
C ASP B 97 3.09 -27.76 -19.30
N ILE B 98 2.04 -27.92 -20.11
CA ILE B 98 1.27 -26.78 -20.61
C ILE B 98 0.57 -26.04 -19.44
N LEU B 99 -0.02 -26.80 -18.53
CA LEU B 99 -0.78 -26.20 -17.46
C LEU B 99 0.09 -25.44 -16.47
N GLU B 100 1.23 -26.03 -16.14
CA GLU B 100 2.13 -25.41 -15.18
C GLU B 100 2.59 -24.05 -15.70
N ASN B 101 2.90 -23.94 -16.98
CA ASN B 101 3.32 -22.66 -17.55
C ASN B 101 2.17 -21.68 -17.76
N GLN B 102 1.02 -22.19 -18.22
CA GLN B 102 -0.19 -21.37 -18.36
C GLN B 102 -0.61 -20.75 -17.05
N PHE B 103 -0.72 -21.56 -16.01
CA PHE B 103 -1.14 -21.05 -14.71
C PHE B 103 -0.16 -20.02 -14.19
N MET B 104 1.14 -20.27 -14.41
CA MET B 104 2.14 -19.27 -14.06
C MET B 104 1.87 -17.97 -14.81
N ASP B 105 1.56 -18.06 -16.10
CA ASP B 105 1.20 -16.88 -16.90
C ASP B 105 -0.02 -16.16 -16.33
N SER B 106 -1.04 -16.92 -15.93
CA SER B 106 -2.23 -16.35 -15.31
C SER B 106 -1.91 -15.69 -13.97
N ARG B 107 -1.08 -16.36 -13.17
CA ARG B 107 -0.65 -15.85 -11.87
C ARG B 107 0.03 -14.47 -12.01
N MET B 108 0.96 -14.38 -12.96
CA MET B 108 1.72 -13.16 -13.18
C MET B 108 0.85 -12.00 -13.64
N GLN B 109 -0.12 -12.27 -14.52
CA GLN B 109 -1.02 -11.23 -15.01
C GLN B 109 -1.82 -10.59 -13.87
N LEU B 110 -2.20 -11.41 -12.89
CA LEU B 110 -2.91 -10.91 -11.72
C LEU B 110 -2.01 -10.04 -10.84
N ALA B 111 -0.77 -10.49 -10.65
CA ALA B 111 0.19 -9.75 -9.84
C ALA B 111 0.58 -8.45 -10.52
N LYS B 112 0.88 -8.52 -11.81
CA LYS B 112 1.19 -7.36 -12.64
C LYS B 112 0.18 -6.24 -12.38
N LEU B 113 -1.10 -6.59 -12.36
CA LEU B 113 -2.20 -5.67 -12.07
C LEU B 113 -2.15 -5.13 -10.64
N CYS B 114 -2.08 -6.05 -9.68
CA CYS B 114 -2.16 -5.70 -8.26
C CYS B 114 -0.95 -4.96 -7.71
N TYR B 115 0.12 -4.85 -8.51
CA TYR B 115 1.32 -4.14 -8.08
C TYR B 115 1.51 -2.80 -8.79
N ASP B 116 0.84 -2.64 -9.93
CA ASP B 116 0.92 -1.41 -10.73
C ASP B 116 0.20 -0.26 -10.00
N PRO B 117 0.83 0.91 -9.97
CA PRO B 117 0.19 2.11 -9.44
C PRO B 117 -1.16 2.37 -10.09
N ASP B 118 -1.29 2.00 -11.36
CA ASP B 118 -2.51 2.28 -12.11
C ASP B 118 -3.52 1.14 -11.96
N PHE B 119 -3.47 0.46 -10.82
CA PHE B 119 -4.44 -0.57 -10.49
C PHE B 119 -5.82 -0.23 -11.06
N GLU B 120 -6.45 0.80 -10.49
CA GLU B 120 -7.84 1.13 -10.83
C GLU B 120 -8.05 1.41 -12.32
N LYS B 121 -7.07 2.02 -12.97
CA LYS B 121 -7.17 2.34 -14.40
C LYS B 121 -7.07 1.10 -15.28
N LEU B 122 -6.31 0.10 -14.81
CA LEU B 122 -6.08 -1.12 -15.60
C LEU B 122 -6.97 -2.29 -15.17
N LYS B 123 -7.55 -2.19 -13.98
CA LYS B 123 -8.45 -3.22 -13.45
C LYS B 123 -9.51 -3.69 -14.46
N PRO B 124 -10.28 -2.75 -15.07
CA PRO B 124 -11.37 -3.24 -15.94
C PRO B 124 -10.88 -4.00 -17.18
N GLU B 125 -9.64 -3.74 -17.60
CA GLU B 125 -9.05 -4.40 -18.77
C GLU B 125 -8.72 -5.87 -18.52
N TYR B 126 -8.41 -6.18 -17.25
CA TYR B 126 -8.15 -7.54 -16.79
C TYR B 126 -9.46 -8.31 -16.60
N LEU B 127 -10.46 -7.62 -16.08
CA LEU B 127 -11.81 -8.17 -15.87
C LEU B 127 -12.54 -8.43 -17.18
N GLN B 128 -12.19 -7.69 -18.20
CA GLN B 128 -12.68 -7.98 -19.51
C GLN B 128 -12.28 -9.33 -19.98
N ALA B 129 -11.01 -9.62 -19.76
CA ALA B 129 -10.33 -10.77 -20.33
C ALA B 129 -10.48 -12.04 -19.49
N LEU B 130 -10.76 -11.85 -18.20
CA LEU B 130 -10.88 -12.92 -17.23
C LEU B 130 -11.88 -14.04 -17.59
N PRO B 131 -13.10 -13.68 -18.05
CA PRO B 131 -14.02 -14.76 -18.45
C PRO B 131 -13.41 -15.67 -19.51
N GLU B 132 -12.83 -15.08 -20.55
CA GLU B 132 -12.19 -15.82 -21.63
C GLU B 132 -11.00 -16.65 -21.15
N MET B 133 -10.28 -16.15 -20.16
CA MET B 133 -9.20 -16.89 -19.51
C MET B 133 -9.76 -18.17 -18.86
N LEU B 134 -10.69 -18.01 -17.94
CA LEU B 134 -11.29 -19.10 -17.19
C LEU B 134 -12.07 -20.08 -18.08
N LYS B 135 -12.73 -19.54 -19.10
CA LYS B 135 -13.41 -20.38 -20.07
C LYS B 135 -12.45 -21.45 -20.62
N LEU B 136 -11.25 -21.02 -20.99
CA LEU B 136 -10.23 -21.95 -21.52
C LEU B 136 -9.86 -23.05 -20.53
N TYR B 137 -9.65 -22.66 -19.28
CA TYR B 137 -9.42 -23.61 -18.22
C TYR B 137 -10.59 -24.59 -18.02
N SER B 138 -11.81 -24.07 -18.04
CA SER B 138 -13.01 -24.86 -17.77
C SER B 138 -13.21 -25.95 -18.82
N GLN B 139 -13.13 -25.56 -20.08
CA GLN B 139 -13.14 -26.49 -21.21
C GLN B 139 -12.11 -27.59 -21.08
N PHE B 140 -11.00 -27.30 -20.43
CA PHE B 140 -9.84 -28.19 -20.42
C PHE B 140 -10.03 -29.24 -19.34
N LEU B 141 -10.59 -28.81 -18.22
CA LEU B 141 -11.04 -29.71 -17.17
C LEU B 141 -12.17 -30.60 -17.68
N GLY B 142 -13.13 -30.01 -18.35
CA GLY B 142 -14.25 -30.76 -18.82
C GLY B 142 -14.96 -31.45 -17.70
N LYS B 143 -15.06 -32.75 -17.83
CA LYS B 143 -15.76 -33.61 -16.91
C LYS B 143 -14.83 -34.31 -15.97
N GLN B 144 -13.55 -34.04 -16.07
CA GLN B 144 -12.55 -34.61 -15.22
C GLN B 144 -12.62 -34.20 -13.77
N PRO B 145 -12.32 -35.08 -12.83
CA PRO B 145 -12.23 -34.63 -11.43
C PRO B 145 -10.98 -33.79 -11.15
N TRP B 146 -9.96 -33.97 -11.97
CA TRP B 146 -8.72 -33.25 -11.81
C TRP B 146 -8.16 -32.85 -13.18
N PHE B 147 -7.20 -31.93 -13.20
CA PHE B 147 -6.73 -31.38 -14.46
C PHE B 147 -5.96 -32.38 -15.33
N LEU B 148 -5.41 -33.41 -14.72
CA LEU B 148 -4.73 -34.47 -15.45
C LEU B 148 -5.60 -35.73 -15.52
N GLY B 149 -6.87 -35.59 -15.17
CA GLY B 149 -7.82 -36.68 -15.28
C GLY B 149 -8.23 -37.24 -13.93
N ASP B 150 -8.15 -38.56 -13.78
CA ASP B 150 -8.68 -39.23 -12.61
C ASP B 150 -7.72 -39.10 -11.43
N LYS B 151 -6.48 -38.81 -11.72
CA LYS B 151 -5.45 -38.68 -10.73
C LYS B 151 -5.15 -37.23 -10.40
N ILE B 152 -5.33 -36.87 -9.16
CA ILE B 152 -4.72 -35.73 -8.61
C ILE B 152 -3.20 -35.69 -8.63
N THR B 153 -2.69 -34.59 -9.14
CA THR B 153 -1.30 -34.30 -9.20
C THR B 153 -1.06 -32.84 -8.93
N PHE B 154 0.18 -32.50 -8.79
CA PHE B 154 0.63 -31.20 -8.46
C PHE B 154 0.05 -29.99 -9.15
N VAL B 155 -0.25 -30.10 -10.43
CA VAL B 155 -0.89 -28.99 -11.15
C VAL B 155 -2.21 -28.61 -10.52
N ASP B 156 -2.89 -29.57 -9.90
CA ASP B 156 -4.13 -29.28 -9.20
C ASP B 156 -3.92 -28.26 -8.08
N PHE B 157 -2.79 -28.35 -7.39
CA PHE B 157 -2.47 -27.42 -6.31
C PHE B 157 -2.15 -26.01 -6.83
N ILE B 158 -1.45 -25.93 -7.96
CA ILE B 158 -1.27 -24.70 -8.72
C ILE B 158 -2.62 -24.18 -9.23
N ALA B 159 -3.45 -25.07 -9.76
CA ALA B 159 -4.79 -24.71 -10.25
C ALA B 159 -5.68 -24.10 -9.16
N TYR B 160 -5.65 -24.71 -7.97
CA TYR B 160 -6.53 -24.27 -6.90
C TYR B 160 -6.19 -22.84 -6.50
N ASP B 161 -4.90 -22.64 -6.21
CA ASP B 161 -4.38 -21.34 -5.84
C ASP B 161 -4.79 -20.26 -6.82
N VAL B 162 -4.45 -20.45 -8.10
CA VAL B 162 -4.74 -19.46 -9.12
C VAL B 162 -6.25 -19.21 -9.28
N LEU B 163 -7.05 -20.27 -9.28
CA LEU B 163 -8.49 -20.14 -9.43
C LEU B 163 -9.14 -19.45 -8.25
N GLU B 164 -8.76 -19.87 -7.04
CA GLU B 164 -9.35 -19.36 -5.82
C GLU B 164 -8.96 -17.90 -5.57
N ARG B 165 -7.73 -17.52 -5.92
CA ARG B 165 -7.31 -16.13 -5.73
C ARG B 165 -8.02 -15.20 -6.71
N ASN B 166 -8.45 -15.73 -7.85
CA ASN B 166 -9.32 -14.98 -8.78
C ASN B 166 -10.72 -14.83 -8.21
N GLN B 167 -11.14 -15.81 -7.44
CA GLN B 167 -12.44 -15.76 -6.79
C GLN B 167 -12.45 -14.70 -5.70
N VAL B 168 -11.35 -14.57 -4.96
CA VAL B 168 -11.20 -13.51 -3.94
C VAL B 168 -11.17 -12.12 -4.61
N PHE B 169 -10.57 -12.05 -5.79
CA PHE B 169 -10.52 -10.83 -6.57
C PHE B 169 -11.91 -10.46 -7.11
N GLU B 170 -12.47 -11.34 -7.94
CA GLU B 170 -13.83 -11.19 -8.45
C GLU B 170 -14.65 -12.40 -7.94
N PRO B 171 -15.48 -12.19 -6.89
CA PRO B 171 -16.18 -13.28 -6.19
C PRO B 171 -17.06 -14.17 -7.07
N SER B 172 -17.62 -13.59 -8.15
CA SER B 172 -18.57 -14.31 -8.99
C SER B 172 -17.95 -14.81 -10.29
N CYS B 173 -16.62 -14.77 -10.37
CA CYS B 173 -15.93 -15.07 -11.63
C CYS B 173 -16.06 -16.52 -12.09
N LEU B 174 -16.22 -17.45 -11.15
CA LEU B 174 -16.37 -18.85 -11.48
C LEU B 174 -17.83 -19.32 -11.64
N ASP B 175 -18.77 -18.51 -11.14
CA ASP B 175 -20.21 -18.80 -11.19
C ASP B 175 -20.67 -19.26 -12.56
N ALA B 176 -20.18 -18.59 -13.60
CA ALA B 176 -20.45 -19.00 -14.97
C ALA B 176 -19.74 -20.30 -15.41
N PHE B 177 -18.91 -20.88 -14.53
CA PHE B 177 -18.18 -22.13 -14.85
C PHE B 177 -18.30 -23.18 -13.75
N PRO B 178 -19.37 -24.00 -13.79
CA PRO B 178 -19.69 -24.95 -12.72
C PRO B 178 -18.57 -25.94 -12.41
N ASN B 179 -17.91 -26.47 -13.44
CA ASN B 179 -16.80 -27.40 -13.21
C ASN B 179 -15.62 -26.80 -12.41
N LEU B 180 -15.30 -25.54 -12.71
CA LEU B 180 -14.30 -24.81 -11.93
C LEU B 180 -14.71 -24.64 -10.47
N LYS B 181 -15.95 -24.20 -10.23
CA LYS B 181 -16.53 -24.09 -8.89
C LYS B 181 -16.47 -25.42 -8.14
N ASP B 182 -16.86 -26.50 -8.83
CA ASP B 182 -16.79 -27.86 -8.28
C ASP B 182 -15.36 -28.29 -7.94
N PHE B 183 -14.41 -27.88 -8.77
CA PHE B 183 -13.02 -28.14 -8.51
C PHE B 183 -12.56 -27.48 -7.20
N ILE B 184 -13.03 -26.26 -6.92
CA ILE B 184 -12.70 -25.59 -5.66
C ILE B 184 -13.21 -26.40 -4.47
N SER B 185 -14.51 -26.67 -4.46
CA SER B 185 -15.13 -27.46 -3.38
C SER B 185 -14.48 -28.83 -3.21
N ARG B 186 -14.16 -29.47 -4.35
CA ARG B 186 -13.56 -30.80 -4.36
C ARG B 186 -12.20 -30.80 -3.70
N PHE B 187 -11.39 -29.81 -4.08
CA PHE B 187 -10.04 -29.67 -3.54
C PHE B 187 -10.09 -29.29 -2.07
N GLU B 188 -11.04 -28.41 -1.71
CA GLU B 188 -11.20 -27.92 -0.33
C GLU B 188 -11.79 -29.00 0.56
N GLY B 189 -12.50 -29.95 -0.08
CA GLY B 189 -13.08 -31.11 0.58
C GLY B 189 -12.12 -32.23 0.95
N LEU B 190 -10.97 -32.30 0.28
CA LEU B 190 -10.00 -33.37 0.55
C LEU B 190 -9.66 -33.39 2.03
N GLU B 191 -9.65 -34.58 2.61
CA GLU B 191 -9.53 -34.77 4.06
C GLU B 191 -8.39 -33.98 4.72
N LYS B 192 -7.21 -33.97 4.10
CA LYS B 192 -6.05 -33.34 4.73
C LYS B 192 -5.99 -31.84 4.44
N ILE B 193 -6.61 -31.41 3.35
CA ILE B 193 -6.67 -29.98 3.04
C ILE B 193 -7.63 -29.22 3.96
N SER B 194 -8.87 -29.70 4.07
CA SER B 194 -9.83 -29.05 4.98
C SER B 194 -9.41 -29.13 6.44
N ALA B 195 -8.72 -30.20 6.85
CA ALA B 195 -8.07 -30.21 8.17
C ALA B 195 -7.10 -29.04 8.30
N TYR B 196 -6.27 -28.81 7.32
CA TYR B 196 -5.33 -27.73 7.36
C TYR B 196 -5.88 -26.33 7.24
N MET B 197 -6.93 -26.13 6.48
CA MET B 197 -7.60 -24.87 6.48
C MET B 197 -8.42 -24.61 7.74
N LYS B 198 -8.57 -25.62 8.58
CA LYS B 198 -9.22 -25.47 9.86
C LYS B 198 -8.19 -25.25 10.94
N SER B 199 -6.95 -25.05 10.57
CA SER B 199 -5.94 -24.96 11.56
C SER B 199 -5.20 -23.62 11.62
N SER B 200 -4.31 -23.53 12.58
CA SER B 200 -3.65 -22.30 12.86
C SER B 200 -2.51 -22.12 11.92
N ARG B 201 -2.17 -23.18 11.20
CA ARG B 201 -1.07 -23.13 10.24
C ARG B 201 -1.44 -22.29 9.02
N PHE B 202 -2.74 -22.17 8.76
CA PHE B 202 -3.23 -21.80 7.43
C PHE B 202 -3.15 -20.30 7.21
N LEU B 203 -2.85 -19.90 5.98
CA LEU B 203 -2.50 -18.52 5.69
C LEU B 203 -2.98 -18.07 4.30
N PRO B 204 -4.28 -17.76 4.18
CA PRO B 204 -4.75 -17.27 2.88
C PRO B 204 -4.57 -15.75 2.73
N ARG B 205 -4.22 -15.08 3.83
CA ARG B 205 -4.11 -13.62 3.89
C ARG B 205 -2.77 -13.19 4.50
N PRO B 206 -2.07 -12.22 3.87
CA PRO B 206 -2.37 -11.53 2.61
C PRO B 206 -1.90 -12.28 1.35
N VAL B 207 -2.56 -12.01 0.23
CA VAL B 207 -2.20 -12.57 -1.08
C VAL B 207 -0.81 -12.10 -1.54
N PHE B 208 -0.61 -10.78 -1.57
CA PHE B 208 0.64 -10.20 -2.06
C PHE B 208 1.49 -9.56 -0.96
N THR B 209 2.61 -8.95 -1.35
CA THR B 209 3.49 -8.28 -0.40
C THR B 209 3.01 -6.87 -0.09
N LYS B 210 3.60 -6.26 0.93
CA LYS B 210 3.23 -4.90 1.33
C LYS B 210 3.36 -3.92 0.17
N MET B 211 4.02 -4.36 -0.89
CA MET B 211 4.27 -3.51 -2.05
C MET B 211 3.02 -3.35 -2.90
N ALA B 212 2.11 -4.31 -2.79
CA ALA B 212 0.97 -4.40 -3.71
C ALA B 212 -0.16 -3.43 -3.38
N VAL B 213 -0.75 -2.87 -4.44
CA VAL B 213 -1.90 -1.98 -4.31
C VAL B 213 -3.15 -2.74 -3.80
N TRP B 214 -3.32 -3.97 -4.30
CA TRP B 214 -4.43 -4.82 -3.87
C TRP B 214 -3.94 -6.05 -3.08
N GLY B 215 -4.59 -6.32 -1.96
CA GLY B 215 -4.28 -7.49 -1.12
C GLY B 215 -2.89 -7.46 -0.52
N ASN B 216 -2.70 -6.60 0.48
CA ASN B 216 -1.39 -6.42 1.12
C ASN B 216 -1.43 -6.44 2.65
N PRO C 1 7.51 12.45 39.37
CA PRO C 1 6.30 12.36 38.53
C PRO C 1 6.06 13.63 37.71
N MET C 2 5.32 13.48 36.61
CA MET C 2 4.85 14.64 35.86
C MET C 2 3.55 15.16 36.48
N THR C 3 3.27 16.44 36.27
CA THR C 3 2.00 17.03 36.69
C THR C 3 1.05 17.07 35.49
N LEU C 4 -0.18 16.63 35.72
CA LEU C 4 -1.24 16.82 34.73
C LEU C 4 -2.24 17.78 35.34
N GLY C 5 -2.54 18.85 34.62
CA GLY C 5 -3.45 19.87 35.12
C GLY C 5 -4.65 20.09 34.24
N TYR C 6 -5.83 20.06 34.85
CA TYR C 6 -7.10 20.24 34.17
C TYR C 6 -8.16 20.51 35.21
N TRP C 7 -9.36 20.86 34.77
CA TRP C 7 -10.51 20.96 35.66
C TRP C 7 -10.84 19.60 36.28
N ASN C 8 -11.55 19.63 37.39
CA ASN C 8 -11.97 18.41 38.08
C ASN C 8 -13.15 17.75 37.34
N ILE C 9 -12.95 17.49 36.05
CA ILE C 9 -13.97 16.90 35.20
C ILE C 9 -13.29 15.92 34.24
N ARG C 10 -14.09 15.18 33.47
CA ARG C 10 -13.57 14.25 32.47
C ARG C 10 -12.98 15.07 31.32
N GLY C 11 -13.85 15.80 30.62
CA GLY C 11 -13.43 16.70 29.55
C GLY C 11 -12.34 16.21 28.63
N LEU C 12 -11.39 17.09 28.36
CA LEU C 12 -10.34 16.81 27.40
C LEU C 12 -9.20 16.01 28.00
N ALA C 13 -9.28 15.74 29.30
CA ALA C 13 -8.22 15.00 30.01
C ALA C 13 -8.40 13.48 30.05
N HIS C 14 -9.62 13.00 29.82
CA HIS C 14 -9.94 11.57 29.87
C HIS C 14 -8.89 10.73 29.11
N SER C 15 -8.76 11.00 27.81
CA SER C 15 -7.83 10.25 26.95
C SER C 15 -6.38 10.29 27.41
N ILE C 16 -5.97 11.41 28.00
CA ILE C 16 -4.63 11.59 28.53
C ILE C 16 -4.44 10.73 29.79
N ARG C 17 -5.39 10.86 30.74
CA ARG C 17 -5.38 10.05 31.97
C ARG C 17 -5.32 8.55 31.67
N LEU C 18 -6.17 8.09 30.76
CA LEU C 18 -6.14 6.70 30.35
C LEU C 18 -4.82 6.32 29.69
N LEU C 19 -4.29 7.20 28.83
CA LEU C 19 -3.00 6.95 28.18
C LEU C 19 -1.84 6.89 29.20
N LEU C 20 -1.91 7.77 30.20
CA LEU C 20 -0.90 7.79 31.25
C LEU C 20 -0.92 6.50 32.06
N GLU C 21 -2.12 6.04 32.39
CA GLU C 21 -2.28 4.79 33.14
C GLU C 21 -1.81 3.56 32.34
N TYR C 22 -2.24 3.45 31.08
CA TYR C 22 -1.85 2.31 30.24
C TYR C 22 -0.32 2.20 30.06
N THR C 23 0.34 3.34 29.92
CA THR C 23 1.79 3.35 29.67
C THR C 23 2.57 3.23 30.98
N ASP C 24 1.85 3.12 32.09
CA ASP C 24 2.44 3.03 33.42
C ASP C 24 3.30 4.26 33.71
N SER C 25 2.79 5.43 33.38
CA SER C 25 3.51 6.67 33.61
C SER C 25 3.39 7.08 35.07
N SER C 26 4.49 7.59 35.62
CA SER C 26 4.48 8.16 36.95
C SER C 26 3.99 9.59 36.85
N TYR C 27 2.84 9.87 37.45
CA TYR C 27 2.25 11.21 37.34
C TYR C 27 1.40 11.61 38.53
N GLU C 28 1.27 12.91 38.75
CA GLU C 28 0.37 13.45 39.75
C GLU C 28 -0.71 14.27 39.02
N GLU C 29 -1.76 14.65 39.73
CA GLU C 29 -2.74 15.55 39.15
C GLU C 29 -2.99 16.81 39.96
N LYS C 30 -2.99 17.96 39.28
CA LYS C 30 -3.50 19.20 39.82
C LYS C 30 -4.86 19.47 39.17
N LYS C 31 -5.91 19.33 39.96
CA LYS C 31 -7.25 19.55 39.45
C LYS C 31 -7.70 20.93 39.88
N TYR C 32 -8.52 21.58 39.06
CA TYR C 32 -9.01 22.91 39.34
C TYR C 32 -10.51 22.86 39.50
N THR C 33 -11.01 23.58 40.50
CA THR C 33 -12.44 23.64 40.72
C THR C 33 -13.00 24.95 40.18
N MET C 34 -14.05 24.83 39.39
CA MET C 34 -14.78 25.98 38.89
C MET C 34 -15.97 26.24 39.82
N GLY C 35 -16.21 27.51 40.13
CA GLY C 35 -17.34 27.91 40.98
C GLY C 35 -18.69 27.74 40.30
N ASP C 36 -19.72 27.85 41.11
CA ASP C 36 -21.05 27.57 40.73
C ASP C 36 -21.64 28.66 39.93
N ALA C 37 -22.84 28.47 39.47
CA ALA C 37 -23.54 29.52 38.81
C ALA C 37 -23.93 30.53 39.83
N PRO C 38 -23.99 31.78 39.45
CA PRO C 38 -24.04 32.20 38.05
C PRO C 38 -22.71 32.75 37.63
N ASP C 39 -21.72 32.59 38.47
CA ASP C 39 -20.47 33.29 38.40
C ASP C 39 -19.47 32.46 37.66
N TYR C 40 -19.39 31.21 38.07
CA TYR C 40 -18.45 30.30 37.45
C TYR C 40 -17.09 30.86 37.64
N ASP C 41 -16.77 31.14 38.87
CA ASP C 41 -15.46 31.64 39.22
C ASP C 41 -14.34 30.70 38.73
N ARG C 42 -13.42 31.23 37.94
CA ARG C 42 -12.29 30.44 37.42
C ARG C 42 -10.96 30.83 38.06
N SER C 43 -11.03 31.62 39.14
CA SER C 43 -9.86 32.26 39.75
C SER C 43 -8.76 31.31 40.20
N GLN C 44 -9.15 30.10 40.60
CA GLN C 44 -8.20 29.05 40.92
C GLN C 44 -7.24 28.81 39.74
N TRP C 45 -7.70 28.91 38.53
CA TRP C 45 -6.82 28.61 37.47
C TRP C 45 -6.13 29.90 37.12
N LEU C 46 -6.97 30.89 36.97
CA LEU C 46 -6.63 32.19 36.50
C LEU C 46 -5.53 32.88 37.29
N ASN C 47 -5.36 32.55 38.55
CA ASN C 47 -4.33 33.20 39.39
C ASN C 47 -2.98 32.63 39.10
N GLU C 48 -3.01 31.49 38.49
CA GLU C 48 -1.87 30.60 38.33
C GLU C 48 -1.56 30.39 36.83
N LYS C 49 -2.56 30.68 36.00
CA LYS C 49 -2.52 30.46 34.55
C LYS C 49 -1.24 30.93 33.88
N PHE C 50 -0.83 32.15 34.23
CA PHE C 50 0.34 32.76 33.59
C PHE C 50 1.62 32.58 34.40
N LYS C 51 1.51 31.87 35.53
CA LYS C 51 2.61 31.70 36.48
C LYS C 51 3.25 30.31 36.44
N LEU C 52 2.92 29.53 35.41
CA LEU C 52 3.41 28.15 35.31
C LEU C 52 4.49 27.97 34.24
N GLY C 53 4.77 29.03 33.49
CA GLY C 53 5.80 29.02 32.45
C GLY C 53 5.39 28.33 31.17
N LEU C 54 4.09 28.27 30.92
CA LEU C 54 3.55 27.63 29.73
C LEU C 54 3.61 28.60 28.55
N ASP C 55 4.15 28.15 27.42
CA ASP C 55 4.24 28.99 26.22
C ASP C 55 2.89 29.55 25.76
N PHE C 56 1.84 28.76 25.85
CA PHE C 56 0.47 29.20 25.57
C PHE C 56 -0.48 28.71 26.68
N PRO C 57 -0.56 29.47 27.79
CA PRO C 57 -1.34 29.07 28.97
C PRO C 57 -2.72 28.52 28.66
N ASN C 58 -2.94 27.25 29.04
CA ASN C 58 -4.18 26.54 28.75
C ASN C 58 -4.42 25.32 29.65
N LEU C 59 -5.66 24.85 29.66
CA LEU C 59 -6.05 23.57 30.27
C LEU C 59 -6.56 22.64 29.18
N PRO C 60 -6.03 21.40 29.12
CA PRO C 60 -5.05 20.78 30.02
C PRO C 60 -3.59 21.16 29.77
N TYR C 61 -2.75 20.94 30.78
CA TYR C 61 -1.29 21.05 30.62
C TYR C 61 -0.57 19.86 31.24
N LEU C 62 0.66 19.64 30.79
CA LEU C 62 1.51 18.60 31.34
C LEU C 62 2.90 19.15 31.58
N ILE C 63 3.28 19.20 32.84
CA ILE C 63 4.62 19.59 33.26
C ILE C 63 5.42 18.31 33.46
N ASP C 64 6.40 18.06 32.59
CA ASP C 64 7.24 16.87 32.73
C ASP C 64 8.73 17.21 32.73
N GLY C 65 9.23 17.58 33.90
CA GLY C 65 10.58 18.13 33.99
C GLY C 65 10.61 19.51 33.36
N THR C 66 11.29 19.61 32.22
CA THR C 66 11.45 20.88 31.53
C THR C 66 10.51 21.02 30.34
N HIS C 67 9.86 19.94 29.94
CA HIS C 67 8.81 20.01 28.93
C HIS C 67 7.51 20.51 29.56
N LYS C 68 7.03 21.65 29.09
CA LYS C 68 5.73 22.18 29.49
C LYS C 68 4.84 22.17 28.26
N ILE C 69 3.69 21.51 28.38
CA ILE C 69 2.91 21.18 27.19
C ILE C 69 1.46 21.47 27.40
N THR C 70 0.90 22.26 26.49
CA THR C 70 -0.53 22.47 26.41
C THR C 70 -1.08 21.82 25.14
N GLN C 71 -2.40 21.87 24.96
CA GLN C 71 -3.10 21.25 23.84
C GLN C 71 -3.17 19.73 23.97
N SER C 72 -4.37 19.21 24.26
CA SER C 72 -4.54 17.79 24.55
C SER C 72 -3.94 16.86 23.49
N ASN C 73 -4.00 17.25 22.21
CA ASN C 73 -3.40 16.45 21.13
C ASN C 73 -1.87 16.44 21.22
N ALA C 74 -1.27 17.54 21.67
CA ALA C 74 0.17 17.62 21.89
C ALA C 74 0.64 16.81 23.11
N ILE C 75 -0.17 16.81 24.16
CA ILE C 75 0.11 16.03 25.37
C ILE C 75 0.03 14.53 25.06
N LEU C 76 -1.04 14.11 24.38
CA LEU C 76 -1.18 12.70 23.97
C LEU C 76 -0.03 12.24 23.06
N ARG C 77 0.31 13.05 22.07
CA ARG C 77 1.42 12.67 21.17
C ARG C 77 2.74 12.55 21.92
N TYR C 78 2.94 13.40 22.92
CA TYR C 78 4.15 13.36 23.74
C TYR C 78 4.27 12.06 24.52
N ILE C 79 3.22 11.71 25.25
CA ILE C 79 3.21 10.47 26.00
C ILE C 79 3.34 9.23 25.07
N ALA C 80 2.60 9.24 23.96
CA ALA C 80 2.58 8.10 23.03
C ALA C 80 3.95 7.82 22.39
N ARG C 81 4.67 8.90 22.08
CA ARG C 81 5.95 8.82 21.36
C ARG C 81 7.01 8.14 22.21
N LYS C 82 6.89 8.30 23.53
CA LYS C 82 7.76 7.64 24.50
C LYS C 82 7.56 6.13 24.52
N HIS C 83 6.33 5.68 24.26
CA HIS C 83 5.95 4.27 24.43
C HIS C 83 5.59 3.56 23.14
N ASN C 84 5.86 4.21 22.02
CA ASN C 84 5.72 3.57 20.71
C ASN C 84 4.26 3.28 20.37
N LEU C 85 3.36 4.13 20.87
CA LEU C 85 1.95 4.04 20.51
C LEU C 85 1.59 5.08 19.44
N CYS C 86 2.37 5.09 18.36
CA CYS C 86 2.01 5.85 17.17
C CYS C 86 1.99 4.97 15.93
N GLY C 87 1.42 5.48 14.85
CA GLY C 87 1.58 4.88 13.54
C GLY C 87 3.03 4.90 13.09
N GLU C 88 3.42 3.89 12.31
CA GLU C 88 4.78 3.81 11.78
C GLU C 88 4.80 3.98 10.27
N SER C 89 4.16 3.06 9.55
CA SER C 89 4.08 3.16 8.11
C SER C 89 3.43 4.48 7.69
N GLU C 90 3.68 4.90 6.45
CA GLU C 90 3.05 6.08 5.87
C GLU C 90 1.54 5.92 5.90
N LYS C 91 1.06 4.71 5.62
CA LYS C 91 -0.36 4.39 5.66
C LYS C 91 -0.93 4.64 7.06
N GLU C 92 -0.15 4.25 8.08
CA GLU C 92 -0.55 4.36 9.48
C GLU C 92 -0.56 5.81 9.96
N GLN C 93 0.40 6.61 9.50
CA GLN C 93 0.51 7.99 9.94
C GLN C 93 -0.56 8.88 9.33
N ILE C 94 -1.02 8.52 8.15
CA ILE C 94 -2.15 9.23 7.53
C ILE C 94 -3.45 8.97 8.29
N ARG C 95 -3.78 7.69 8.47
CA ARG C 95 -4.96 7.29 9.22
C ARG C 95 -4.94 7.90 10.63
N GLU C 96 -3.78 7.86 11.28
CA GLU C 96 -3.58 8.49 12.58
C GLU C 96 -3.92 9.98 12.58
N ASP C 97 -3.38 10.70 11.61
CA ASP C 97 -3.63 12.12 11.42
C ASP C 97 -5.08 12.44 11.09
N ILE C 98 -5.75 11.59 10.29
CA ILE C 98 -7.13 11.83 9.90
C ILE C 98 -8.06 11.59 11.10
N LEU C 99 -7.79 10.51 11.82
CA LEU C 99 -8.61 10.10 12.94
C LEU C 99 -8.46 11.06 14.12
N GLU C 100 -7.25 11.54 14.36
CA GLU C 100 -6.99 12.57 15.38
C GLU C 100 -7.91 13.78 15.16
N ASN C 101 -7.87 14.36 13.97
CA ASN C 101 -8.68 15.53 13.65
C ASN C 101 -10.19 15.23 13.51
N GLN C 102 -10.52 14.04 13.02
CA GLN C 102 -11.91 13.63 12.87
C GLN C 102 -12.65 13.53 14.19
N PHE C 103 -12.00 12.86 15.14
CA PHE C 103 -12.53 12.70 16.47
C PHE C 103 -12.65 14.03 17.18
N MET C 104 -11.69 14.93 16.98
CA MET C 104 -11.78 16.30 17.55
C MET C 104 -13.02 17.04 17.01
N ASP C 105 -13.29 16.92 15.72
CA ASP C 105 -14.50 17.50 15.14
C ASP C 105 -15.74 16.95 15.83
N SER C 106 -15.86 15.62 15.86
CA SER C 106 -16.93 14.90 16.56
C SER C 106 -17.07 15.32 18.00
N ARG C 107 -15.94 15.37 18.71
CA ARG C 107 -15.92 15.84 20.09
C ARG C 107 -16.49 17.27 20.18
N MET C 108 -16.12 18.11 19.22
CA MET C 108 -16.54 19.50 19.28
C MET C 108 -18.03 19.65 19.01
N GLN C 109 -18.57 18.83 18.12
CA GLN C 109 -20.02 18.84 17.83
C GLN C 109 -20.89 18.49 19.05
N LEU C 110 -20.44 17.52 19.85
CA LEU C 110 -21.20 17.16 21.03
C LEU C 110 -21.14 18.27 22.11
N ALA C 111 -19.96 18.84 22.33
CA ALA C 111 -19.81 19.91 23.33
C ALA C 111 -20.60 21.14 22.91
N LYS C 112 -20.61 21.44 21.62
CA LYS C 112 -21.33 22.61 21.14
C LYS C 112 -22.81 22.50 21.51
N LEU C 113 -23.38 21.32 21.26
CA LEU C 113 -24.77 21.04 21.62
C LEU C 113 -24.99 21.08 23.14
N CYS C 114 -24.08 20.47 23.90
CA CYS C 114 -24.24 20.33 25.36
C CYS C 114 -24.03 21.61 26.18
N TYR C 115 -23.36 22.60 25.59
CA TYR C 115 -23.18 23.92 26.24
C TYR C 115 -24.20 24.96 25.78
N ASP C 116 -24.98 24.62 24.76
CA ASP C 116 -25.95 25.54 24.18
C ASP C 116 -27.17 25.74 25.10
N PRO C 117 -27.65 27.00 25.24
CA PRO C 117 -28.96 27.26 25.88
C PRO C 117 -30.14 26.47 25.25
N ASP C 118 -30.11 26.33 23.91
CA ASP C 118 -31.15 25.63 23.14
C ASP C 118 -31.00 24.10 23.06
N PHE C 119 -30.26 23.51 24.00
CA PHE C 119 -30.00 22.06 24.03
C PHE C 119 -31.18 21.19 23.58
N GLU C 120 -32.35 21.39 24.20
CA GLU C 120 -33.54 20.56 23.95
C GLU C 120 -34.09 20.60 22.52
N LYS C 121 -34.06 21.77 21.89
CA LYS C 121 -34.51 21.91 20.50
C LYS C 121 -33.49 21.37 19.51
N LEU C 122 -32.20 21.45 19.87
CA LEU C 122 -31.13 21.07 18.94
C LEU C 122 -30.76 19.58 19.07
N LYS C 123 -31.09 19.00 20.21
CA LYS C 123 -30.85 17.59 20.53
C LYS C 123 -31.35 16.60 19.44
N PRO C 124 -32.63 16.71 18.99
CA PRO C 124 -33.10 15.73 18.00
C PRO C 124 -32.28 15.74 16.70
N GLU C 125 -31.76 16.91 16.34
CA GLU C 125 -30.98 17.05 15.12
C GLU C 125 -29.64 16.31 15.23
N TYR C 126 -29.00 16.44 16.39
CA TYR C 126 -27.74 15.78 16.65
C TYR C 126 -27.93 14.27 16.56
N LEU C 127 -29.00 13.79 17.21
CA LEU C 127 -29.29 12.36 17.33
C LEU C 127 -29.68 11.78 15.99
N GLN C 128 -30.27 12.63 15.15
CA GLN C 128 -30.65 12.26 13.79
C GLN C 128 -29.44 12.05 12.88
N ALA C 129 -28.39 12.87 13.07
CA ALA C 129 -27.15 12.78 12.26
C ALA C 129 -26.09 11.83 12.86
N LEU C 130 -26.30 11.40 14.09
CA LEU C 130 -25.34 10.56 14.80
C LEU C 130 -25.12 9.17 14.18
N PRO C 131 -26.20 8.43 13.82
CA PRO C 131 -25.99 7.15 13.14
C PRO C 131 -24.96 7.21 11.99
N GLU C 132 -25.09 8.20 11.12
CA GLU C 132 -24.17 8.35 9.98
C GLU C 132 -22.73 8.59 10.39
N MET C 133 -22.53 9.38 11.45
CA MET C 133 -21.18 9.64 11.97
C MET C 133 -20.58 8.31 12.38
N LEU C 134 -21.30 7.62 13.27
CA LEU C 134 -20.84 6.35 13.83
C LEU C 134 -20.56 5.29 12.75
N LYS C 135 -21.36 5.30 11.69
CA LYS C 135 -21.17 4.39 10.56
C LYS C 135 -19.81 4.59 9.87
N LEU C 136 -19.41 5.84 9.67
CA LEU C 136 -18.11 6.15 9.09
C LEU C 136 -16.97 5.59 9.95
N TYR C 137 -17.06 5.78 11.27
CA TYR C 137 -16.11 5.17 12.19
C TYR C 137 -16.17 3.63 12.13
N SER C 138 -17.38 3.09 12.08
CA SER C 138 -17.55 1.63 11.99
C SER C 138 -16.93 1.06 10.71
N GLN C 139 -17.31 1.61 9.57
CA GLN C 139 -16.71 1.23 8.28
C GLN C 139 -15.20 1.28 8.35
N PHE C 140 -14.67 2.34 8.94
CA PHE C 140 -13.24 2.54 8.98
C PHE C 140 -12.53 1.51 9.85
N LEU C 141 -13.11 1.19 10.98
CA LEU C 141 -12.51 0.25 11.92
C LEU C 141 -12.63 -1.18 11.36
N GLY C 142 -13.82 -1.52 10.84
CA GLY C 142 -14.10 -2.83 10.29
C GLY C 142 -13.85 -3.91 11.31
N LYS C 143 -13.03 -4.89 10.92
CA LYS C 143 -12.73 -6.07 11.74
C LYS C 143 -11.40 -5.95 12.49
N GLN C 144 -10.76 -4.79 12.41
CA GLN C 144 -9.48 -4.56 13.10
C GLN C 144 -9.71 -4.46 14.60
N PRO C 145 -8.75 -4.95 15.42
CA PRO C 145 -8.91 -4.75 16.86
C PRO C 145 -8.70 -3.28 17.27
N TRP C 146 -7.85 -2.56 16.53
CA TRP C 146 -7.59 -1.15 16.82
C TRP C 146 -7.63 -0.29 15.57
N PHE C 147 -7.79 1.01 15.75
CA PHE C 147 -8.02 1.92 14.62
C PHE C 147 -6.88 2.00 13.58
N LEU C 148 -5.65 1.70 13.98
CA LEU C 148 -4.55 1.65 13.01
C LEU C 148 -4.28 0.22 12.52
N GLY C 149 -4.87 -0.77 13.20
CA GLY C 149 -4.76 -2.17 12.81
C GLY C 149 -4.61 -3.08 14.01
N ASP C 150 -3.62 -3.96 13.96
CA ASP C 150 -3.39 -4.97 15.00
C ASP C 150 -2.91 -4.42 16.33
N LYS C 151 -2.48 -3.16 16.33
CA LYS C 151 -1.71 -2.57 17.41
C LYS C 151 -2.43 -1.33 17.97
N ILE C 152 -2.50 -1.21 19.29
CA ILE C 152 -3.11 -0.04 19.90
C ILE C 152 -2.20 1.20 19.82
N THR C 153 -2.78 2.33 19.44
CA THR C 153 -2.05 3.60 19.38
C THR C 153 -2.83 4.68 20.12
N PHE C 154 -2.27 5.87 20.26
CA PHE C 154 -2.91 6.93 21.05
C PHE C 154 -4.29 7.31 20.54
N VAL C 155 -4.50 7.13 19.25
CA VAL C 155 -5.74 7.53 18.61
C VAL C 155 -6.92 6.68 19.11
N ASP C 156 -6.64 5.46 19.57
CA ASP C 156 -7.69 4.60 20.15
C ASP C 156 -8.20 5.15 21.47
N PHE C 157 -7.32 5.87 22.17
CA PHE C 157 -7.67 6.54 23.42
C PHE C 157 -8.59 7.72 23.20
N ILE C 158 -8.39 8.42 22.08
CA ILE C 158 -9.30 9.47 21.65
C ILE C 158 -10.65 8.87 21.25
N ALA C 159 -10.60 7.82 20.41
CA ALA C 159 -11.78 7.11 19.93
C ALA C 159 -12.61 6.60 21.08
N TYR C 160 -11.93 6.02 22.07
CA TYR C 160 -12.66 5.49 23.23
C TYR C 160 -13.48 6.57 23.89
N ASP C 161 -12.81 7.66 24.27
CA ASP C 161 -13.44 8.77 24.95
C ASP C 161 -14.63 9.35 24.19
N VAL C 162 -14.42 9.65 22.92
CA VAL C 162 -15.46 10.25 22.08
C VAL C 162 -16.63 9.26 21.81
N LEU C 163 -16.31 8.01 21.47
CA LEU C 163 -17.39 7.03 21.25
C LEU C 163 -18.14 6.71 22.54
N GLU C 164 -17.41 6.57 23.63
CA GLU C 164 -18.02 6.20 24.90
C GLU C 164 -18.88 7.32 25.49
N ARG C 165 -18.50 8.60 25.30
CA ARG C 165 -19.35 9.68 25.81
C ARG C 165 -20.61 9.85 24.98
N ASN C 166 -20.58 9.40 23.73
CA ASN C 166 -21.78 9.35 22.91
C ASN C 166 -22.72 8.26 23.44
N GLN C 167 -22.14 7.17 23.95
CA GLN C 167 -22.91 6.13 24.61
C GLN C 167 -23.55 6.64 25.92
N VAL C 168 -22.83 7.48 26.66
CA VAL C 168 -23.41 8.10 27.86
C VAL C 168 -24.56 9.03 27.50
N PHE C 169 -24.37 9.81 26.44
CA PHE C 169 -25.41 10.73 25.97
C PHE C 169 -26.66 10.01 25.45
N GLU C 170 -26.47 8.89 24.76
CA GLU C 170 -27.55 8.11 24.19
C GLU C 170 -27.13 6.64 24.17
N PRO C 171 -27.48 5.92 25.24
CA PRO C 171 -27.06 4.54 25.54
C PRO C 171 -27.23 3.53 24.41
N SER C 172 -28.26 3.71 23.59
CA SER C 172 -28.51 2.80 22.49
C SER C 172 -27.73 3.10 21.21
N CYS C 173 -26.99 4.22 21.18
CA CYS C 173 -26.43 4.72 19.90
C CYS C 173 -25.46 3.79 19.19
N LEU C 174 -24.88 2.84 19.94
CA LEU C 174 -23.91 1.89 19.36
C LEU C 174 -24.50 0.52 18.96
N ASP C 175 -25.77 0.28 19.29
CA ASP C 175 -26.44 -1.00 19.02
C ASP C 175 -26.29 -1.50 17.59
N ALA C 176 -26.51 -0.61 16.63
CA ALA C 176 -26.43 -0.95 15.22
C ALA C 176 -24.98 -1.08 14.75
N PHE C 177 -24.04 -0.94 15.69
CA PHE C 177 -22.61 -0.94 15.36
C PHE C 177 -21.78 -1.90 16.26
N PRO C 178 -21.90 -3.21 16.01
CA PRO C 178 -21.26 -4.23 16.87
C PRO C 178 -19.76 -4.06 17.03
N ASN C 179 -19.05 -3.64 15.98
CA ASN C 179 -17.60 -3.50 16.10
C ASN C 179 -17.16 -2.30 16.96
N LEU C 180 -17.98 -1.28 16.99
CA LEU C 180 -17.77 -0.16 17.91
C LEU C 180 -18.10 -0.56 19.34
N LYS C 181 -19.21 -1.29 19.51
CA LYS C 181 -19.58 -1.88 20.80
C LYS C 181 -18.45 -2.75 21.32
N ASP C 182 -17.92 -3.61 20.44
CA ASP C 182 -16.76 -4.47 20.74
C ASP C 182 -15.49 -3.69 21.04
N PHE C 183 -15.31 -2.57 20.34
CA PHE C 183 -14.14 -1.72 20.54
C PHE C 183 -14.14 -1.16 21.98
N ILE C 184 -15.32 -0.73 22.43
CA ILE C 184 -15.44 -0.26 23.80
C ILE C 184 -15.14 -1.36 24.82
N SER C 185 -15.67 -2.57 24.62
CA SER C 185 -15.36 -3.67 25.51
C SER C 185 -13.87 -3.96 25.54
N ARG C 186 -13.29 -4.12 24.35
CA ARG C 186 -11.89 -4.47 24.18
C ARG C 186 -11.00 -3.44 24.87
N PHE C 187 -11.26 -2.15 24.61
CA PHE C 187 -10.53 -1.09 25.32
C PHE C 187 -10.66 -1.16 26.84
N GLU C 188 -11.88 -1.31 27.34
CA GLU C 188 -12.12 -1.36 28.78
C GLU C 188 -11.62 -2.65 29.45
N GLY C 189 -11.33 -3.67 28.63
CA GLY C 189 -10.86 -4.95 29.12
C GLY C 189 -9.35 -5.08 29.19
N LEU C 190 -8.64 -4.08 28.67
CA LEU C 190 -7.20 -4.02 28.82
C LEU C 190 -6.88 -4.05 30.31
N GLU C 191 -5.88 -4.86 30.66
CA GLU C 191 -5.51 -5.13 32.05
C GLU C 191 -5.38 -3.87 32.92
N LYS C 192 -4.55 -2.92 32.49
CA LYS C 192 -4.28 -1.71 33.26
C LYS C 192 -5.46 -0.75 33.25
N ILE C 193 -6.12 -0.64 32.09
CA ILE C 193 -7.31 0.19 31.96
C ILE C 193 -8.42 -0.24 32.90
N SER C 194 -8.66 -1.55 33.00
CA SER C 194 -9.68 -2.04 33.92
C SER C 194 -9.30 -1.77 35.37
N ALA C 195 -8.07 -2.11 35.75
CA ALA C 195 -7.55 -1.77 37.07
C ALA C 195 -7.78 -0.29 37.39
N TYR C 196 -7.34 0.59 36.48
CA TYR C 196 -7.54 2.02 36.66
C TYR C 196 -9.00 2.36 36.86
N MET C 197 -9.87 1.76 36.07
CA MET C 197 -11.30 2.04 36.13
C MET C 197 -12.01 1.60 37.40
N LYS C 198 -11.39 0.70 38.17
CA LYS C 198 -11.96 0.24 39.44
C LYS C 198 -11.30 0.94 40.62
N SER C 199 -10.16 1.58 40.37
CA SER C 199 -9.48 2.37 41.40
C SER C 199 -10.13 3.75 41.62
N SER C 200 -9.63 4.49 42.58
CA SER C 200 -10.25 5.77 42.95
C SER C 200 -9.78 6.96 42.13
N ARG C 201 -8.72 6.78 41.35
CA ARG C 201 -8.23 7.84 40.46
C ARG C 201 -9.16 8.08 39.25
N PHE C 202 -10.00 7.09 38.94
CA PHE C 202 -10.93 7.15 37.81
C PHE C 202 -11.96 8.25 37.99
N LEU C 203 -12.19 9.01 36.93
CA LEU C 203 -13.11 10.15 36.96
C LEU C 203 -13.90 10.21 35.65
N PRO C 204 -14.94 9.36 35.51
CA PRO C 204 -15.74 9.31 34.27
C PRO C 204 -16.78 10.42 34.17
N ARG C 205 -17.12 11.00 35.32
CA ARG C 205 -18.14 12.04 35.46
C ARG C 205 -17.56 13.15 36.35
N PRO C 206 -17.99 14.42 36.18
CA PRO C 206 -18.86 14.96 35.12
C PRO C 206 -18.12 15.06 33.80
N VAL C 207 -18.87 14.99 32.69
CA VAL C 207 -18.27 14.98 31.37
C VAL C 207 -17.71 16.36 31.04
N PHE C 208 -18.54 17.37 31.25
CA PHE C 208 -18.25 18.73 30.89
C PHE C 208 -18.16 19.64 32.12
N THR C 209 -18.06 20.96 31.93
CA THR C 209 -18.01 21.89 33.07
C THR C 209 -19.39 22.27 33.57
N LYS C 210 -19.41 22.96 34.71
CA LYS C 210 -20.63 23.46 35.33
C LYS C 210 -21.42 24.37 34.39
N MET C 211 -20.75 24.90 33.36
CA MET C 211 -21.39 25.76 32.38
C MET C 211 -22.33 25.01 31.42
N ALA C 212 -22.15 23.70 31.30
CA ALA C 212 -22.98 22.89 30.37
C ALA C 212 -24.41 22.66 30.84
N VAL C 213 -25.36 22.70 29.90
CA VAL C 213 -26.74 22.32 30.19
C VAL C 213 -26.82 20.82 30.49
N TRP C 214 -26.29 20.01 29.58
CA TRP C 214 -26.13 18.57 29.78
C TRP C 214 -24.69 18.19 30.24
N GLY C 215 -24.54 17.36 31.26
CA GLY C 215 -23.23 16.87 31.61
C GLY C 215 -22.44 17.66 32.65
N ASN C 216 -23.12 18.44 33.47
CA ASN C 216 -22.42 19.33 34.34
C ASN C 216 -22.27 18.55 35.58
N LYS C 217 -23.00 17.41 35.54
CA LYS C 217 -23.28 16.50 36.62
C LYS C 217 -22.66 15.13 36.38
N PRO D 1 -0.33 13.88 -10.70
CA PRO D 1 -1.12 15.09 -10.48
C PRO D 1 -2.17 14.88 -9.40
N MET D 2 -1.93 15.43 -8.21
CA MET D 2 -2.89 15.34 -7.11
C MET D 2 -4.16 16.13 -7.41
N THR D 3 -5.24 15.76 -6.73
CA THR D 3 -6.44 16.58 -6.75
C THR D 3 -6.71 17.14 -5.35
N LEU D 4 -6.61 18.45 -5.22
CA LEU D 4 -7.01 19.13 -4.02
C LEU D 4 -8.43 19.58 -4.29
N GLY D 5 -9.35 19.17 -3.41
CA GLY D 5 -10.74 19.56 -3.53
C GLY D 5 -11.13 20.46 -2.39
N TYR D 6 -11.81 21.56 -2.71
CA TYR D 6 -12.28 22.53 -1.71
C TYR D 6 -13.27 23.49 -2.33
N TRP D 7 -13.95 24.25 -1.48
CA TRP D 7 -14.77 25.36 -1.91
C TRP D 7 -13.91 26.38 -2.64
N ASN D 8 -14.55 27.16 -3.52
CA ASN D 8 -13.89 28.26 -4.22
C ASN D 8 -13.67 29.47 -3.31
N ILE D 9 -13.04 29.23 -2.16
CA ILE D 9 -12.55 30.30 -1.31
C ILE D 9 -11.15 30.00 -0.79
N ARG D 10 -10.67 30.84 0.12
CA ARG D 10 -9.36 30.64 0.72
C ARG D 10 -9.43 29.66 1.90
N GLY D 11 -10.19 30.03 2.92
CA GLY D 11 -10.52 29.11 4.01
C GLY D 11 -9.37 28.23 4.46
N LEU D 12 -9.68 26.94 4.67
CA LEU D 12 -8.73 25.93 5.14
C LEU D 12 -7.73 25.47 4.06
N ALA D 13 -7.97 25.81 2.81
CA ALA D 13 -7.09 25.39 1.72
C ALA D 13 -5.85 26.26 1.52
N HIS D 14 -5.85 27.46 2.10
CA HIS D 14 -4.75 28.40 1.87
C HIS D 14 -3.36 27.84 2.21
N SER D 15 -3.19 27.33 3.42
CA SER D 15 -1.93 26.76 3.85
C SER D 15 -1.51 25.61 2.96
N ILE D 16 -2.49 24.81 2.53
CA ILE D 16 -2.26 23.62 1.74
C ILE D 16 -1.80 23.98 0.34
N ARG D 17 -2.50 24.91 -0.29
CA ARG D 17 -2.13 25.41 -1.61
C ARG D 17 -0.70 25.95 -1.59
N LEU D 18 -0.39 26.80 -0.61
CA LEU D 18 0.95 27.35 -0.46
C LEU D 18 2.05 26.29 -0.28
N LEU D 19 1.78 25.27 0.52
CA LEU D 19 2.76 24.21 0.74
C LEU D 19 2.97 23.37 -0.53
N LEU D 20 1.88 23.03 -1.22
CA LEU D 20 1.96 22.30 -2.47
C LEU D 20 2.85 23.06 -3.46
N GLU D 21 2.68 24.38 -3.51
CA GLU D 21 3.46 25.25 -4.38
C GLU D 21 4.93 25.33 -3.97
N TYR D 22 5.20 25.51 -2.68
CA TYR D 22 6.56 25.53 -2.16
C TYR D 22 7.31 24.23 -2.46
N THR D 23 6.57 23.12 -2.44
CA THR D 23 7.19 21.79 -2.58
C THR D 23 7.24 21.30 -4.01
N ASP D 24 6.85 22.17 -4.94
CA ASP D 24 6.95 21.90 -6.37
C ASP D 24 6.06 20.72 -6.73
N SER D 25 4.99 20.57 -5.96
CA SER D 25 4.06 19.48 -6.16
C SER D 25 3.26 19.66 -7.43
N SER D 26 3.01 18.54 -8.11
CA SER D 26 2.13 18.49 -9.26
C SER D 26 0.73 18.25 -8.71
N TYR D 27 -0.19 19.16 -8.98
CA TYR D 27 -1.55 19.05 -8.49
C TYR D 27 -2.53 19.86 -9.32
N GLU D 28 -3.81 19.51 -9.22
CA GLU D 28 -4.90 20.24 -9.86
C GLU D 28 -5.99 20.41 -8.82
N GLU D 29 -6.89 21.37 -9.03
CA GLU D 29 -7.88 21.68 -8.02
C GLU D 29 -9.30 21.40 -8.47
N LYS D 30 -10.12 20.92 -7.56
CA LYS D 30 -11.54 20.83 -7.79
C LYS D 30 -12.23 21.88 -6.92
N LYS D 31 -12.83 22.86 -7.58
CA LYS D 31 -13.38 24.04 -6.93
C LYS D 31 -14.89 24.00 -6.85
N TYR D 32 -15.41 23.76 -5.65
CA TYR D 32 -16.85 23.69 -5.42
C TYR D 32 -17.47 25.06 -5.20
N THR D 33 -18.66 25.27 -5.74
CA THR D 33 -19.36 26.54 -5.61
C THR D 33 -20.65 26.37 -4.84
N MET D 34 -20.80 27.20 -3.81
CA MET D 34 -22.01 27.24 -2.99
C MET D 34 -23.04 28.25 -3.53
N GLY D 35 -24.31 27.86 -3.53
CA GLY D 35 -25.40 28.77 -3.91
C GLY D 35 -25.68 29.88 -2.93
N ASP D 36 -26.59 30.74 -3.29
CA ASP D 36 -26.95 31.90 -2.53
C ASP D 36 -27.91 31.74 -1.36
N ALA D 37 -27.91 32.73 -0.48
CA ALA D 37 -28.89 32.80 0.60
C ALA D 37 -30.31 32.89 0.05
N PRO D 38 -31.18 32.00 0.52
CA PRO D 38 -31.24 31.66 1.94
C PRO D 38 -31.05 30.17 2.18
N ASP D 39 -30.39 29.49 1.25
CA ASP D 39 -30.72 28.14 0.90
C ASP D 39 -29.35 27.49 0.92
N TYR D 40 -28.43 28.18 0.27
CA TYR D 40 -27.01 27.98 0.20
C TYR D 40 -26.71 26.62 -0.41
N ASP D 41 -27.22 26.38 -1.60
CA ASP D 41 -27.13 25.08 -2.24
C ASP D 41 -25.69 24.53 -2.29
N ARG D 42 -25.49 23.45 -1.56
CA ARG D 42 -24.21 22.79 -1.44
C ARG D 42 -24.17 21.52 -2.28
N SER D 43 -25.19 21.33 -3.12
CA SER D 43 -25.41 20.09 -3.88
C SER D 43 -24.25 19.69 -4.79
N GLN D 44 -23.54 20.65 -5.29
CA GLN D 44 -22.33 20.39 -6.01
C GLN D 44 -21.28 19.55 -5.30
N TRP D 45 -21.24 19.63 -3.99
CA TRP D 45 -20.38 18.81 -3.19
C TRP D 45 -21.08 17.58 -2.67
N LEU D 46 -22.30 17.72 -2.25
CA LEU D 46 -23.10 16.62 -1.90
C LEU D 46 -23.24 15.55 -2.99
N ASN D 47 -23.20 15.91 -4.24
CA ASN D 47 -23.33 14.91 -5.26
C ASN D 47 -22.07 14.15 -5.43
N GLU D 48 -20.98 14.69 -4.96
CA GLU D 48 -19.73 14.00 -5.07
C GLU D 48 -18.95 13.46 -3.92
N LYS D 49 -19.16 14.01 -2.77
CA LYS D 49 -18.71 13.41 -1.56
C LYS D 49 -18.44 11.91 -1.47
N PHE D 50 -19.39 11.10 -1.85
CA PHE D 50 -19.30 9.71 -1.61
C PHE D 50 -18.61 9.10 -2.73
N LYS D 51 -18.10 9.95 -3.57
CA LYS D 51 -17.68 9.38 -4.85
C LYS D 51 -16.19 9.07 -4.85
N LEU D 52 -15.46 9.66 -3.91
CA LEU D 52 -14.09 9.93 -4.09
C LEU D 52 -13.10 8.98 -3.44
N GLY D 53 -13.58 8.01 -2.70
CA GLY D 53 -12.77 7.05 -1.99
C GLY D 53 -12.33 7.57 -0.63
N LEU D 54 -12.99 8.61 -0.15
CA LEU D 54 -12.71 9.16 1.17
C LEU D 54 -13.41 8.36 2.26
N ASP D 55 -12.65 7.99 3.29
CA ASP D 55 -13.23 7.30 4.45
C ASP D 55 -14.19 8.20 5.20
N PHE D 56 -13.81 9.48 5.35
CA PHE D 56 -14.66 10.48 5.99
C PHE D 56 -14.78 11.68 5.07
N PRO D 57 -15.63 11.58 4.03
CA PRO D 57 -15.77 12.64 3.03
C PRO D 57 -15.89 14.03 3.66
N ASN D 58 -15.15 14.99 3.11
CA ASN D 58 -14.99 16.28 3.75
C ASN D 58 -14.23 17.24 2.84
N LEU D 59 -14.37 18.54 3.09
CA LEU D 59 -13.58 19.54 2.40
C LEU D 59 -12.72 20.27 3.42
N PRO D 60 -11.39 20.37 3.18
CA PRO D 60 -10.69 20.01 1.95
C PRO D 60 -10.35 18.53 1.83
N TYR D 61 -10.20 18.07 0.60
CA TYR D 61 -9.66 16.72 0.40
C TYR D 61 -8.45 16.75 -0.50
N LEU D 62 -7.64 15.71 -0.42
CA LEU D 62 -6.53 15.52 -1.33
C LEU D 62 -6.51 14.05 -1.80
N ILE D 63 -6.43 13.86 -3.12
CA ILE D 63 -6.32 12.54 -3.73
C ILE D 63 -4.93 12.43 -4.34
N ASP D 64 -4.09 11.55 -3.80
CA ASP D 64 -2.74 11.35 -4.35
C ASP D 64 -2.47 9.87 -4.64
N GLY D 65 -3.04 9.38 -5.75
CA GLY D 65 -2.94 7.97 -6.11
C GLY D 65 -3.82 7.15 -5.20
N THR D 66 -3.22 6.21 -4.49
CA THR D 66 -3.99 5.36 -3.57
C THR D 66 -4.37 6.10 -2.29
N HIS D 67 -3.79 7.27 -2.06
CA HIS D 67 -4.01 8.02 -0.85
C HIS D 67 -5.18 8.97 -0.94
N LYS D 68 -6.11 8.83 -0.04
CA LYS D 68 -7.28 9.69 -0.02
C LYS D 68 -7.42 10.38 1.34
N ILE D 69 -6.94 11.62 1.41
CA ILE D 69 -6.85 12.34 2.67
C ILE D 69 -7.89 13.42 2.78
N THR D 70 -8.53 13.46 3.95
CA THR D 70 -9.30 14.60 4.38
C THR D 70 -8.62 15.11 5.66
N GLN D 71 -9.15 16.21 6.18
CA GLN D 71 -8.65 16.91 7.37
C GLN D 71 -7.41 17.72 7.01
N SER D 72 -7.54 19.04 7.13
CA SER D 72 -6.51 19.95 6.63
C SER D 72 -5.15 19.67 7.26
N ASN D 73 -5.15 19.43 8.57
CA ASN D 73 -3.89 19.16 9.25
C ASN D 73 -3.24 17.90 8.70
N ALA D 74 -4.08 16.90 8.41
CA ALA D 74 -3.59 15.61 7.93
C ALA D 74 -3.03 15.70 6.53
N ILE D 75 -3.63 16.57 5.72
CA ILE D 75 -3.15 16.86 4.37
C ILE D 75 -1.80 17.56 4.45
N LEU D 76 -1.70 18.56 5.32
CA LEU D 76 -0.45 19.29 5.55
C LEU D 76 0.68 18.37 6.02
N ARG D 77 0.37 17.41 6.87
CA ARG D 77 1.40 16.50 7.37
C ARG D 77 1.82 15.52 6.30
N TYR D 78 0.86 15.11 5.47
CA TYR D 78 1.16 14.19 4.39
C TYR D 78 2.17 14.80 3.42
N ILE D 79 1.92 16.04 3.02
CA ILE D 79 2.81 16.70 2.07
C ILE D 79 4.15 17.02 2.73
N ALA D 80 4.11 17.54 3.96
CA ALA D 80 5.34 17.86 4.69
C ALA D 80 6.30 16.69 4.75
N ARG D 81 5.78 15.50 5.05
CA ARG D 81 6.58 14.30 5.24
C ARG D 81 7.30 13.85 3.97
N LYS D 82 6.64 14.02 2.82
CA LYS D 82 7.24 13.71 1.53
C LYS D 82 8.42 14.62 1.21
N HIS D 83 8.57 15.67 1.97
CA HIS D 83 9.46 16.74 1.65
C HIS D 83 10.35 17.16 2.77
N ASN D 84 10.43 16.32 3.79
CA ASN D 84 11.28 16.55 4.96
C ASN D 84 11.00 17.93 5.59
N LEU D 85 9.72 18.28 5.70
CA LEU D 85 9.30 19.59 6.20
C LEU D 85 8.54 19.49 7.52
N CYS D 86 9.10 18.70 8.43
CA CYS D 86 8.55 18.48 9.77
C CYS D 86 9.65 18.72 10.81
N GLY D 87 9.24 18.92 12.06
CA GLY D 87 10.15 18.92 13.20
C GLY D 87 10.90 17.60 13.27
N GLU D 88 12.20 17.68 13.58
CA GLU D 88 13.07 16.50 13.55
C GLU D 88 13.33 15.95 14.94
N SER D 89 13.65 16.85 15.88
CA SER D 89 13.92 16.47 17.24
C SER D 89 12.63 16.41 18.05
N GLU D 90 12.73 15.85 19.26
CA GLU D 90 11.59 15.73 20.17
C GLU D 90 10.98 17.08 20.50
N LYS D 91 11.78 17.99 21.05
CA LYS D 91 11.32 19.33 21.40
C LYS D 91 10.72 20.03 20.19
N GLU D 92 11.28 19.76 19.01
CA GLU D 92 10.74 20.33 17.77
C GLU D 92 9.36 19.75 17.47
N GLN D 93 9.20 18.44 17.64
CA GLN D 93 7.93 17.75 17.44
C GLN D 93 6.90 18.21 18.48
N ILE D 94 7.33 18.46 19.70
CA ILE D 94 6.42 18.97 20.73
C ILE D 94 5.89 20.34 20.31
N ARG D 95 6.80 21.23 19.92
CA ARG D 95 6.45 22.58 19.52
C ARG D 95 5.55 22.57 18.30
N GLU D 96 5.86 21.70 17.35
CA GLU D 96 5.03 21.41 16.18
C GLU D 96 3.57 21.10 16.55
N ASP D 97 3.38 20.20 17.52
CA ASP D 97 2.08 19.69 17.94
C ASP D 97 1.28 20.74 18.72
N ILE D 98 1.98 21.53 19.52
CA ILE D 98 1.34 22.62 20.25
C ILE D 98 0.89 23.70 19.30
N LEU D 99 1.73 24.04 18.34
CA LEU D 99 1.47 25.14 17.42
C LEU D 99 0.37 24.81 16.44
N GLU D 100 0.44 23.61 15.88
CA GLU D 100 -0.59 23.12 14.97
C GLU D 100 -1.96 23.26 15.63
N ASN D 101 -2.08 22.78 16.88
CA ASN D 101 -3.36 22.77 17.57
C ASN D 101 -3.74 24.18 18.05
N GLN D 102 -2.75 24.96 18.47
CA GLN D 102 -2.94 26.33 18.93
C GLN D 102 -3.42 27.26 17.81
N PHE D 103 -2.76 27.17 16.66
CA PHE D 103 -3.16 27.94 15.49
C PHE D 103 -4.54 27.55 14.97
N MET D 104 -4.93 26.28 15.11
CA MET D 104 -6.29 25.87 14.75
C MET D 104 -7.33 26.55 15.66
N ASP D 105 -7.05 26.56 16.96
CA ASP D 105 -7.89 27.27 17.93
C ASP D 105 -8.05 28.74 17.56
N SER D 106 -6.94 29.40 17.26
CA SER D 106 -7.00 30.80 16.84
C SER D 106 -7.77 30.95 15.54
N ARG D 107 -7.54 30.03 14.59
CA ARG D 107 -8.29 30.05 13.32
C ARG D 107 -9.81 29.99 13.57
N MET D 108 -10.23 29.06 14.43
CA MET D 108 -11.65 28.86 14.73
C MET D 108 -12.28 30.03 15.48
N GLN D 109 -11.51 30.70 16.32
CA GLN D 109 -11.98 31.90 17.02
C GLN D 109 -12.32 33.03 16.07
N LEU D 110 -11.57 33.17 14.99
CA LEU D 110 -11.92 34.15 13.95
C LEU D 110 -13.17 33.71 13.20
N ALA D 111 -13.18 32.46 12.75
CA ALA D 111 -14.30 31.87 12.00
C ALA D 111 -15.62 31.85 12.80
N LYS D 112 -15.56 31.43 14.06
CA LYS D 112 -16.71 31.54 14.96
C LYS D 112 -17.31 32.95 14.90
N LEU D 113 -16.48 33.97 15.09
CA LEU D 113 -16.93 35.35 15.06
C LEU D 113 -17.59 35.74 13.73
N CYS D 114 -16.91 35.47 12.62
CA CYS D 114 -17.31 36.03 11.33
C CYS D 114 -18.56 35.39 10.75
N TYR D 115 -18.97 34.24 11.29
CA TYR D 115 -20.18 33.54 10.86
C TYR D 115 -21.41 33.86 11.74
N ASP D 116 -21.16 34.40 12.93
CA ASP D 116 -22.21 34.76 13.88
C ASP D 116 -22.90 36.06 13.41
N PRO D 117 -24.24 36.06 13.31
CA PRO D 117 -24.95 37.29 12.88
C PRO D 117 -24.84 38.44 13.89
N ASP D 118 -24.41 38.13 15.12
CA ASP D 118 -24.06 39.14 16.09
C ASP D 118 -22.63 39.66 15.87
N PHE D 119 -22.16 39.54 14.63
CA PHE D 119 -20.80 39.96 14.25
C PHE D 119 -20.45 41.33 14.83
N GLU D 120 -21.29 42.33 14.55
CA GLU D 120 -21.03 43.70 15.03
C GLU D 120 -20.97 43.80 16.56
N LYS D 121 -21.87 43.14 17.26
CA LYS D 121 -21.84 43.14 18.72
C LYS D 121 -20.59 42.44 19.30
N LEU D 122 -20.25 41.27 18.73
CA LEU D 122 -19.14 40.43 19.21
C LEU D 122 -17.75 40.81 18.66
N LYS D 123 -17.73 41.64 17.60
CA LYS D 123 -16.48 42.13 17.00
C LYS D 123 -15.51 42.81 17.97
N PRO D 124 -15.99 43.78 18.77
CA PRO D 124 -15.05 44.49 19.66
C PRO D 124 -14.36 43.61 20.71
N GLU D 125 -15.05 42.60 21.25
CA GLU D 125 -14.45 41.71 22.25
C GLU D 125 -13.38 40.79 21.68
N TYR D 126 -13.51 40.44 20.40
CA TYR D 126 -12.45 39.72 19.70
C TYR D 126 -11.22 40.62 19.59
N LEU D 127 -11.44 41.88 19.20
CA LEU D 127 -10.38 42.86 19.03
C LEU D 127 -9.69 43.24 20.33
N GLN D 128 -10.44 43.24 21.42
CA GLN D 128 -9.84 43.48 22.73
C GLN D 128 -8.82 42.37 23.05
N ALA D 129 -9.15 41.13 22.70
CA ALA D 129 -8.31 39.96 23.02
C ALA D 129 -7.26 39.58 21.98
N LEU D 130 -7.34 40.16 20.78
CA LEU D 130 -6.37 39.91 19.70
C LEU D 130 -4.90 40.22 20.05
N PRO D 131 -4.61 41.42 20.64
CA PRO D 131 -3.21 41.69 20.99
C PRO D 131 -2.58 40.63 21.88
N GLU D 132 -3.33 40.12 22.85
CA GLU D 132 -2.80 39.10 23.75
C GLU D 132 -2.49 37.77 23.05
N MET D 133 -3.33 37.40 22.07
CA MET D 133 -3.07 36.21 21.27
C MET D 133 -1.79 36.39 20.46
N LEU D 134 -1.63 37.57 19.86
CA LEU D 134 -0.49 37.86 19.00
C LEU D 134 0.82 37.97 19.79
N LYS D 135 0.75 38.62 20.96
CA LYS D 135 1.89 38.66 21.89
C LYS D 135 2.45 37.26 22.13
N LEU D 136 1.55 36.30 22.37
CA LEU D 136 1.97 34.91 22.63
C LEU D 136 2.71 34.27 21.46
N TYR D 137 2.25 34.53 20.24
CA TYR D 137 2.95 34.00 19.07
C TYR D 137 4.30 34.70 18.87
N SER D 138 4.33 36.00 19.14
CA SER D 138 5.55 36.80 19.11
C SER D 138 6.63 36.30 20.07
N GLN D 139 6.25 36.10 21.33
CA GLN D 139 7.17 35.63 22.36
C GLN D 139 7.70 34.24 22.01
N PHE D 140 6.84 33.43 21.42
CA PHE D 140 7.23 32.09 21.02
C PHE D 140 8.22 32.13 19.86
N LEU D 141 7.93 32.94 18.85
CA LEU D 141 8.79 33.05 17.68
C LEU D 141 10.16 33.67 18.00
N GLY D 142 10.15 34.76 18.75
CA GLY D 142 11.26 35.67 18.88
C GLY D 142 12.18 35.82 17.73
N LYS D 143 13.40 35.35 17.90
CA LYS D 143 14.50 35.73 17.06
C LYS D 143 14.77 34.70 16.01
N GLN D 144 13.99 33.66 16.06
CA GLN D 144 13.97 32.59 15.05
C GLN D 144 13.43 33.05 13.69
N PRO D 145 13.95 32.48 12.60
CA PRO D 145 13.33 32.75 11.30
C PRO D 145 11.99 32.02 11.08
N TRP D 146 11.83 30.88 11.71
CA TRP D 146 10.65 30.04 11.53
C TRP D 146 10.26 29.49 12.88
N PHE D 147 9.02 29.05 13.03
CA PHE D 147 8.47 28.70 14.35
C PHE D 147 9.12 27.51 15.04
N LEU D 148 9.74 26.62 14.27
CA LEU D 148 10.46 25.49 14.86
C LEU D 148 11.96 25.70 14.93
N GLY D 149 12.41 26.93 14.68
CA GLY D 149 13.83 27.24 14.72
C GLY D 149 14.40 27.69 13.38
N ASP D 150 15.46 27.03 12.94
CA ASP D 150 16.25 27.48 11.78
C ASP D 150 15.70 27.01 10.46
N LYS D 151 14.97 25.91 10.46
CA LYS D 151 14.41 25.42 9.21
C LYS D 151 12.89 25.60 9.12
N ILE D 152 12.40 25.75 7.89
CA ILE D 152 10.98 25.97 7.68
C ILE D 152 10.23 24.63 7.73
N THR D 153 9.06 24.62 8.35
CA THR D 153 8.24 23.41 8.41
C THR D 153 6.80 23.73 8.03
N PHE D 154 5.96 22.71 7.92
CA PHE D 154 4.56 22.94 7.56
C PHE D 154 3.84 23.88 8.52
N VAL D 155 4.26 23.93 9.78
CA VAL D 155 3.59 24.79 10.73
C VAL D 155 3.82 26.28 10.44
N ASP D 156 4.84 26.60 9.65
CA ASP D 156 5.01 27.99 9.21
C ASP D 156 3.90 28.39 8.22
N PHE D 157 3.45 27.42 7.42
CA PHE D 157 2.36 27.65 6.47
C PHE D 157 1.02 27.87 7.15
N ILE D 158 0.80 27.13 8.23
CA ILE D 158 -0.35 27.37 9.08
C ILE D 158 -0.21 28.74 9.74
N ALA D 159 0.96 28.98 10.31
CA ALA D 159 1.19 30.24 11.00
C ALA D 159 0.96 31.42 10.07
N TYR D 160 1.57 31.39 8.89
CA TYR D 160 1.39 32.47 7.92
C TYR D 160 -0.10 32.71 7.65
N ASP D 161 -0.84 31.64 7.41
CA ASP D 161 -2.27 31.75 7.12
C ASP D 161 -3.03 32.45 8.24
N VAL D 162 -2.85 32.00 9.48
CA VAL D 162 -3.57 32.56 10.62
C VAL D 162 -3.14 34.01 10.91
N LEU D 163 -1.84 34.27 10.92
CA LEU D 163 -1.32 35.62 11.19
C LEU D 163 -1.74 36.60 10.11
N GLU D 164 -1.61 36.18 8.85
CA GLU D 164 -1.88 37.07 7.74
C GLU D 164 -3.36 37.43 7.60
N ARG D 165 -4.25 36.46 7.80
CA ARG D 165 -5.66 36.78 7.69
C ARG D 165 -6.21 37.62 8.85
N ASN D 166 -5.50 37.64 9.97
CA ASN D 166 -5.81 38.58 11.03
C ASN D 166 -5.41 40.00 10.65
N GLN D 167 -4.33 40.11 9.88
CA GLN D 167 -3.90 41.38 9.32
C GLN D 167 -4.94 41.93 8.34
N VAL D 168 -5.56 41.06 7.54
CA VAL D 168 -6.66 41.46 6.66
C VAL D 168 -7.84 41.97 7.51
N PHE D 169 -8.01 41.39 8.69
CA PHE D 169 -9.12 41.73 9.57
C PHE D 169 -8.85 43.05 10.30
N GLU D 170 -7.68 43.13 10.94
CA GLU D 170 -7.21 44.39 11.54
C GLU D 170 -5.81 44.70 11.03
N PRO D 171 -5.73 45.55 9.99
CA PRO D 171 -4.49 45.91 9.27
C PRO D 171 -3.31 46.34 10.14
N SER D 172 -3.57 46.96 11.29
CA SER D 172 -2.46 47.42 12.13
C SER D 172 -2.15 46.48 13.29
N CYS D 173 -2.69 45.26 13.28
CA CYS D 173 -2.59 44.37 14.45
C CYS D 173 -1.20 43.83 14.74
N LEU D 174 -0.33 43.82 13.75
CA LEU D 174 1.06 43.34 13.94
C LEU D 174 2.08 44.46 14.22
N ASP D 175 1.61 45.71 14.27
CA ASP D 175 2.47 46.88 14.48
C ASP D 175 3.29 46.84 15.77
N ALA D 176 2.72 46.25 16.82
CA ALA D 176 3.43 46.15 18.09
C ALA D 176 4.37 44.94 18.12
N PHE D 177 4.32 44.11 17.10
CA PHE D 177 5.10 42.85 17.11
C PHE D 177 5.97 42.72 15.84
N PRO D 178 7.07 43.50 15.78
CA PRO D 178 7.98 43.47 14.64
C PRO D 178 8.38 42.07 14.13
N ASN D 179 8.67 41.14 15.04
CA ASN D 179 9.02 39.77 14.60
C ASN D 179 7.93 39.11 13.74
N LEU D 180 6.67 39.31 14.10
CA LEU D 180 5.53 38.76 13.34
C LEU D 180 5.38 39.40 11.96
N LYS D 181 5.63 40.71 11.89
CA LYS D 181 5.68 41.45 10.64
C LYS D 181 6.81 40.95 9.74
N ASP D 182 7.96 40.67 10.33
CA ASP D 182 9.12 40.16 9.58
C ASP D 182 8.88 38.72 9.13
N PHE D 183 8.11 37.98 9.92
CA PHE D 183 7.73 36.63 9.55
C PHE D 183 6.91 36.60 8.26
N ILE D 184 5.88 37.44 8.19
CA ILE D 184 5.04 37.55 7.00
C ILE D 184 5.88 37.94 5.78
N SER D 185 6.78 38.92 5.96
CA SER D 185 7.73 39.34 4.92
C SER D 185 8.63 38.21 4.46
N ARG D 186 9.18 37.46 5.41
CA ARG D 186 10.07 36.34 5.13
C ARG D 186 9.37 35.31 4.24
N PHE D 187 8.24 34.80 4.72
CA PHE D 187 7.42 33.79 4.02
C PHE D 187 7.05 34.22 2.61
N GLU D 188 6.55 35.46 2.48
CA GLU D 188 6.09 35.99 1.20
C GLU D 188 7.25 36.20 0.22
N GLY D 189 8.46 36.29 0.78
CA GLY D 189 9.68 36.52 0.00
C GLY D 189 10.32 35.28 -0.59
N LEU D 190 10.03 34.10 -0.04
CA LEU D 190 10.51 32.84 -0.60
C LEU D 190 10.15 32.76 -2.08
N GLU D 191 11.02 32.16 -2.89
CA GLU D 191 10.85 32.15 -4.35
C GLU D 191 9.47 31.69 -4.84
N LYS D 192 9.10 30.46 -4.48
CA LYS D 192 7.87 29.85 -5.02
C LYS D 192 6.58 30.50 -4.53
N ILE D 193 6.60 31.01 -3.29
CA ILE D 193 5.42 31.70 -2.75
C ILE D 193 5.18 33.01 -3.50
N SER D 194 6.23 33.81 -3.65
CA SER D 194 6.18 35.04 -4.45
C SER D 194 5.69 34.77 -5.88
N ALA D 195 6.32 33.82 -6.54
CA ALA D 195 5.87 33.36 -7.87
C ALA D 195 4.40 32.95 -7.88
N TYR D 196 3.95 32.29 -6.81
CA TYR D 196 2.54 31.87 -6.67
C TYR D 196 1.64 33.07 -6.46
N MET D 197 2.04 33.96 -5.55
CA MET D 197 1.26 35.15 -5.21
C MET D 197 1.10 36.14 -6.37
N LYS D 198 1.85 35.93 -7.44
CA LYS D 198 1.73 36.81 -8.59
C LYS D 198 0.91 36.16 -9.70
N SER D 199 0.74 34.85 -9.61
CA SER D 199 0.10 34.07 -10.68
C SER D 199 -1.42 34.25 -10.71
N SER D 200 -2.04 33.58 -11.67
CA SER D 200 -3.48 33.61 -11.82
C SER D 200 -4.14 32.68 -10.80
N ARG D 201 -3.39 31.65 -10.38
CA ARG D 201 -3.90 30.62 -9.47
C ARG D 201 -4.15 31.06 -8.03
N PHE D 202 -3.53 32.18 -7.62
CA PHE D 202 -3.61 32.71 -6.24
C PHE D 202 -5.03 33.07 -5.82
N LEU D 203 -5.55 32.36 -4.83
CA LEU D 203 -6.92 32.56 -4.32
C LEU D 203 -6.92 33.20 -2.91
N PRO D 204 -6.76 34.54 -2.84
CA PRO D 204 -6.59 35.19 -1.54
C PRO D 204 -7.91 35.52 -0.84
N ARG D 205 -8.96 35.62 -1.64
CA ARG D 205 -10.30 36.02 -1.19
C ARG D 205 -11.30 35.26 -2.06
N PRO D 206 -12.53 35.03 -1.57
CA PRO D 206 -13.06 35.29 -0.23
C PRO D 206 -12.35 34.47 0.85
N VAL D 207 -12.27 35.03 2.06
CA VAL D 207 -11.71 34.33 3.20
C VAL D 207 -12.65 33.18 3.55
N PHE D 208 -13.93 33.47 3.69
CA PHE D 208 -14.92 32.47 4.10
C PHE D 208 -15.97 32.15 3.03
N THR D 209 -16.92 31.26 3.35
CA THR D 209 -18.03 30.97 2.45
C THR D 209 -19.09 32.10 2.45
N LYS D 210 -20.12 31.92 1.63
CA LYS D 210 -21.19 32.91 1.46
C LYS D 210 -22.12 33.00 2.68
N MET D 211 -21.98 32.05 3.60
CA MET D 211 -22.73 32.05 4.87
C MET D 211 -22.18 33.07 5.87
N ALA D 212 -20.95 33.52 5.64
CA ALA D 212 -20.28 34.44 6.56
C ALA D 212 -20.80 35.88 6.50
N VAL D 213 -20.85 36.52 7.65
CA VAL D 213 -21.19 37.94 7.75
C VAL D 213 -20.03 38.81 7.26
N TRP D 214 -18.80 38.40 7.61
CA TRP D 214 -17.60 39.07 7.11
C TRP D 214 -16.71 38.09 6.36
N GLY D 215 -16.10 38.57 5.28
CA GLY D 215 -15.13 37.78 4.52
C GLY D 215 -15.76 36.86 3.49
N ASN D 216 -17.04 37.09 3.20
CA ASN D 216 -17.80 36.30 2.23
C ASN D 216 -17.60 36.79 0.79
N LYS D 217 -16.83 37.86 0.64
CA LYS D 217 -16.59 38.49 -0.67
C LYS D 217 -15.14 38.94 -0.86
#